data_4NRR
#
_entry.id   4NRR
#
_cell.length_a   50.807
_cell.length_b   171.931
_cell.length_c   55.155
_cell.angle_alpha   90.00
_cell.angle_beta   104.25
_cell.angle_gamma   90.00
#
_symmetry.space_group_name_H-M   'P 1 21 1'
#
loop_
_entity.id
_entity.type
_entity.pdbx_description
1 polymer Exo-beta-1,4-mannosidase
2 branched beta-D-mannopyranose-(1-4)-beta-D-fructofuranose
3 water water
#
_entity_poly.entity_id   1
_entity_poly.type   'polypeptide(L)'
_entity_poly.pdbx_seq_one_letter_code
;MGSSHHHHHHSSGLVPRGSHMASMTGGQQMGRGSEFAFVKIASDGKGFTRYGEPYLIRGANYWQGMNLGADDCSGGDRKR
MELEIKQMAEMGINNLRVMASSEGPDDQPYRMRPSMMPQPGKYNEGVFVGLDYLLDTMDRYNMTAVMTLGNFWQWSGGFG
QYVAWITGNQTIPYPVGDVTYDEFTQFAARFYNDSEIAPKANKLFKDHIYTVQNRRNTVNGKIYKEDPVIMSWQIANAPQ
EAPASWFEEISTFIKKGAPKHLVSAGLESKLDEYDFDRAHDHKNIDYTTCHCWVENWGIYDPADPDGLPHANEYMHDFLE
SRSKWAAQLNKPIVMEEFGMARDAWRNPEDETYKYLPSTPTSHKDEYYQKAFNQIVSLASNRSFSGSNFWAYGGEGRSTY
PPNPYGMVWLGDPPHEPHGWYSVYSNDTTVQIIKDYNANLLKVQKELSK
;
_entity_poly.pdbx_strand_id   A,B
#
# COMPACT_ATOMS: atom_id res chain seq x y z
N SER A 34 -24.91 3.57 38.13
CA SER A 34 -24.80 2.08 38.03
C SER A 34 -23.64 1.60 37.14
N GLU A 35 -22.76 0.81 37.75
CA GLU A 35 -21.63 0.22 37.07
C GLU A 35 -21.88 -1.31 36.98
N PHE A 36 -23.15 -1.69 36.99
CA PHE A 36 -23.56 -3.10 37.01
C PHE A 36 -23.06 -3.88 35.78
N ALA A 37 -23.11 -3.18 34.64
CA ALA A 37 -22.77 -3.77 33.34
C ALA A 37 -21.24 -3.85 33.06
N PHE A 38 -20.42 -3.24 33.92
CA PHE A 38 -19.00 -3.18 33.64
C PHE A 38 -18.41 -4.51 34.08
N VAL A 39 -17.57 -5.13 33.26
CA VAL A 39 -16.86 -6.32 33.74
C VAL A 39 -15.92 -5.92 34.89
N LYS A 40 -15.93 -6.70 35.96
CA LYS A 40 -15.10 -6.45 37.12
C LYS A 40 -14.27 -7.69 37.47
N ILE A 41 -13.32 -7.57 38.38
CA ILE A 41 -12.62 -8.73 38.97
C ILE A 41 -13.50 -9.14 40.17
N ALA A 42 -13.74 -10.44 40.38
CA ALA A 42 -14.42 -10.90 41.61
C ALA A 42 -13.58 -10.47 42.85
N SER A 43 -14.26 -10.15 43.95
CA SER A 43 -13.52 -9.65 45.14
C SER A 43 -12.46 -10.65 45.67
N ASP A 44 -12.67 -11.93 45.41
CA ASP A 44 -11.71 -12.95 45.79
C ASP A 44 -10.58 -13.10 44.77
N GLY A 45 -10.62 -12.26 43.72
CA GLY A 45 -9.61 -12.34 42.65
C GLY A 45 -9.52 -13.56 41.73
N LYS A 46 -10.49 -14.48 41.70
CA LYS A 46 -10.29 -15.75 40.96
C LYS A 46 -11.10 -15.83 39.67
N GLY A 47 -11.80 -14.75 39.32
CA GLY A 47 -12.43 -14.62 38.01
C GLY A 47 -12.98 -13.25 37.77
N PHE A 48 -13.78 -13.12 36.73
CA PHE A 48 -14.44 -11.87 36.38
C PHE A 48 -15.87 -11.91 36.87
N THR A 49 -16.49 -10.74 37.06
CA THR A 49 -17.95 -10.68 37.21
C THR A 49 -18.51 -9.66 36.24
N ARG A 50 -19.79 -9.82 35.95
CA ARG A 50 -20.60 -8.84 35.23
C ARG A 50 -22.07 -9.09 35.51
N TYR A 51 -22.83 -8.03 35.76
CA TYR A 51 -24.22 -8.13 36.17
C TYR A 51 -24.36 -8.97 37.46
N GLY A 52 -23.47 -8.74 38.40
CA GLY A 52 -23.50 -9.50 39.65
C GLY A 52 -23.35 -11.01 39.54
N GLU A 53 -22.76 -11.51 38.46
CA GLU A 53 -22.52 -12.91 38.30
C GLU A 53 -21.18 -13.15 37.71
N PRO A 54 -20.61 -14.33 37.95
CA PRO A 54 -19.42 -14.77 37.19
C PRO A 54 -19.49 -14.49 35.66
N TYR A 55 -18.32 -14.20 35.10
CA TYR A 55 -18.21 -13.91 33.66
C TYR A 55 -17.00 -14.67 33.09
N LEU A 56 -17.27 -15.65 32.25
CA LEU A 56 -16.21 -16.39 31.56
C LEU A 56 -16.03 -15.89 30.10
N ILE A 57 -14.77 -15.91 29.63
CA ILE A 57 -14.41 -15.35 28.34
C ILE A 57 -14.52 -16.37 27.23
N ARG A 58 -15.61 -16.26 26.47
CA ARG A 58 -15.79 -17.12 25.33
C ARG A 58 -15.41 -16.24 24.15
N GLY A 59 -14.11 -16.19 23.87
CA GLY A 59 -13.60 -15.16 23.02
C GLY A 59 -13.03 -15.53 21.67
N ALA A 60 -12.79 -14.48 20.88
CA ALA A 60 -12.08 -14.60 19.65
C ALA A 60 -11.25 -13.33 19.51
N ASN A 61 -10.23 -13.34 18.66
CA ASN A 61 -9.51 -12.16 18.21
C ASN A 61 -10.12 -11.72 16.88
N TYR A 62 -10.32 -10.43 16.78
CA TYR A 62 -10.90 -9.85 15.63
C TYR A 62 -10.24 -8.47 15.44
N TRP A 63 -8.93 -8.44 15.28
CA TRP A 63 -8.16 -7.15 15.21
C TRP A 63 -8.49 -6.39 13.95
N GLN A 64 -9.08 -7.05 12.96
CA GLN A 64 -9.39 -6.41 11.70
C GLN A 64 -10.71 -5.69 11.81
N GLY A 65 -11.40 -5.81 12.94
CA GLY A 65 -12.77 -5.22 13.05
C GLY A 65 -12.85 -3.72 12.68
N MET A 66 -11.95 -2.90 13.25
CA MET A 66 -11.98 -1.49 13.00
C MET A 66 -11.91 -1.17 11.51
N ASN A 67 -10.92 -1.73 10.81
CA ASN A 67 -10.80 -1.48 9.38
C ASN A 67 -11.97 -2.03 8.57
N LEU A 68 -12.65 -3.11 9.02
CA LEU A 68 -13.76 -3.61 8.23
C LEU A 68 -14.97 -2.76 8.44
N GLY A 69 -14.97 -2.04 9.54
CA GLY A 69 -16.12 -1.25 9.95
C GLY A 69 -16.10 0.11 9.30
N ALA A 70 -14.94 0.49 8.74
CA ALA A 70 -14.78 1.80 8.11
C ALA A 70 -15.78 1.97 6.95
N ASP A 71 -16.08 3.19 6.52
CA ASP A 71 -16.94 3.29 5.29
C ASP A 71 -16.25 2.84 3.98
N ASP A 72 -17.00 2.60 2.91
CA ASP A 72 -16.39 2.06 1.69
C ASP A 72 -15.17 2.87 1.22
N CYS A 73 -15.22 4.20 1.40
CA CYS A 73 -14.15 5.12 1.00
CA CYS A 73 -14.15 5.13 1.04
C CYS A 73 -12.80 4.86 1.67
N SER A 74 -12.81 4.52 2.97
CA SER A 74 -11.56 4.16 3.67
C SER A 74 -11.27 2.66 3.67
N GLY A 75 -11.84 1.93 2.71
CA GLY A 75 -11.50 0.52 2.50
C GLY A 75 -12.19 -0.48 3.37
N GLY A 76 -13.26 -0.05 4.03
CA GLY A 76 -14.00 -0.92 4.89
C GLY A 76 -14.99 -1.76 4.09
N ASP A 77 -15.70 -2.68 4.79
CA ASP A 77 -16.82 -3.46 4.24
C ASP A 77 -17.74 -3.67 5.45
N ARG A 78 -18.50 -2.62 5.78
CA ARG A 78 -19.32 -2.67 6.98
C ARG A 78 -20.33 -3.85 7.03
N LYS A 79 -20.96 -4.19 5.91
CA LYS A 79 -21.96 -5.25 5.90
C LYS A 79 -21.25 -6.58 6.24
N ARG A 80 -20.04 -6.72 5.77
CA ARG A 80 -19.31 -7.95 6.08
C ARG A 80 -18.93 -7.99 7.59
N MET A 81 -18.55 -6.86 8.16
CA MET A 81 -18.26 -6.80 9.59
CA MET A 81 -18.26 -6.79 9.59
C MET A 81 -19.52 -7.10 10.39
N GLU A 82 -20.64 -6.51 10.01
CA GLU A 82 -21.87 -6.87 10.71
C GLU A 82 -22.20 -8.36 10.61
N LEU A 83 -22.08 -8.95 9.42
CA LEU A 83 -22.30 -10.39 9.32
C LEU A 83 -21.26 -11.20 10.12
N GLU A 84 -20.00 -10.76 10.15
CA GLU A 84 -18.99 -11.53 10.89
C GLU A 84 -19.29 -11.57 12.39
N ILE A 85 -19.76 -10.45 12.94
CA ILE A 85 -20.12 -10.36 14.38
CA ILE A 85 -20.08 -10.42 14.37
C ILE A 85 -21.32 -11.28 14.67
N LYS A 86 -22.36 -11.15 13.85
CA LYS A 86 -23.47 -12.07 13.89
C LYS A 86 -23.00 -13.55 13.80
N GLN A 87 -22.12 -13.88 12.86
CA GLN A 87 -21.64 -15.28 12.82
C GLN A 87 -20.99 -15.73 14.14
N MET A 88 -20.16 -14.87 14.68
CA MET A 88 -19.52 -15.07 15.95
C MET A 88 -20.47 -15.15 17.15
N ALA A 89 -21.52 -14.30 17.21
CA ALA A 89 -22.56 -14.44 18.25
C ALA A 89 -23.23 -15.84 18.19
N GLU A 90 -23.56 -16.31 16.98
CA GLU A 90 -24.13 -17.66 16.77
C GLU A 90 -23.18 -18.74 17.14
N MET A 91 -21.88 -18.50 17.18
CA MET A 91 -20.95 -19.54 17.66
C MET A 91 -20.67 -19.38 19.16
N GLY A 92 -21.39 -18.50 19.83
CA GLY A 92 -21.34 -18.52 21.26
C GLY A 92 -20.29 -17.52 21.80
N ILE A 93 -19.63 -16.77 20.90
CA ILE A 93 -18.64 -15.78 21.32
CA ILE A 93 -18.63 -15.74 21.29
C ILE A 93 -19.26 -14.57 22.10
N ASN A 94 -18.70 -14.23 23.26
CA ASN A 94 -19.20 -13.10 24.04
C ASN A 94 -18.15 -12.01 24.20
N ASN A 95 -17.00 -12.14 23.53
CA ASN A 95 -15.84 -11.27 23.83
C ASN A 95 -14.88 -11.22 22.66
N LEU A 96 -14.57 -10.01 22.17
CA LEU A 96 -13.60 -9.89 21.06
C LEU A 96 -12.45 -9.08 21.56
N ARG A 97 -11.25 -9.57 21.31
CA ARG A 97 -10.06 -8.72 21.45
C ARG A 97 -9.80 -8.00 20.12
N VAL A 98 -9.85 -6.66 20.16
CA VAL A 98 -9.70 -5.93 18.93
C VAL A 98 -8.51 -4.95 19.02
N MET A 99 -8.16 -4.39 17.87
CA MET A 99 -7.05 -3.46 17.78
C MET A 99 -7.63 -2.07 17.73
N ALA A 100 -7.24 -1.22 18.68
CA ALA A 100 -7.73 0.15 18.76
C ALA A 100 -6.58 1.14 18.57
N SER A 101 -5.68 0.80 17.64
CA SER A 101 -4.60 1.66 17.23
C SER A 101 -4.08 1.14 15.89
N SER A 102 -3.54 2.04 15.09
CA SER A 102 -2.67 1.65 14.01
C SER A 102 -2.08 2.90 13.46
N GLU A 103 -0.80 2.80 13.13
CA GLU A 103 0.00 3.97 12.75
C GLU A 103 0.46 3.95 11.28
N GLY A 104 0.43 5.10 10.62
CA GLY A 104 1.07 5.20 9.35
C GLY A 104 2.55 5.47 9.56
N PRO A 105 3.22 6.08 8.57
CA PRO A 105 2.63 6.61 7.33
C PRO A 105 2.10 5.48 6.39
N ASP A 106 1.15 5.80 5.49
CA ASP A 106 0.50 4.76 4.72
C ASP A 106 1.32 4.18 3.53
N ASP A 107 2.61 4.45 3.46
CA ASP A 107 3.38 3.83 2.35
C ASP A 107 4.25 2.67 2.85
N GLN A 108 3.99 2.19 4.07
CA GLN A 108 4.82 1.20 4.70
C GLN A 108 4.28 -0.21 4.40
N PRO A 109 5.20 -1.14 4.13
CA PRO A 109 4.73 -2.53 3.92
C PRO A 109 4.38 -3.14 5.29
N TYR A 110 3.71 -4.31 5.25
CA TYR A 110 3.55 -5.19 6.44
C TYR A 110 2.59 -4.64 7.46
N ARG A 111 1.75 -3.68 7.06
CA ARG A 111 0.81 -3.13 8.03
C ARG A 111 -0.57 -2.77 7.45
N MET A 112 -1.50 -2.66 8.38
CA MET A 112 -2.84 -2.23 8.11
C MET A 112 -2.90 -0.92 7.36
N ARG A 113 -3.71 -0.88 6.30
CA ARG A 113 -3.88 0.31 5.51
C ARG A 113 -5.38 0.48 5.11
N PRO A 114 -5.95 1.67 5.21
CA PRO A 114 -5.32 2.89 5.71
C PRO A 114 -5.13 2.81 7.21
N SER A 115 -4.17 3.56 7.73
CA SER A 115 -3.96 3.60 9.17
C SER A 115 -4.94 4.55 9.89
N MET A 116 -5.17 4.28 11.17
CA MET A 116 -6.03 5.07 12.00
C MET A 116 -5.36 6.41 12.34
N MET A 117 -4.04 6.35 12.59
CA MET A 117 -3.25 7.52 12.96
C MET A 117 -2.04 7.65 12.03
N PRO A 118 -2.24 8.28 10.85
CA PRO A 118 -1.18 8.33 9.84
C PRO A 118 0.07 9.10 10.33
N GLN A 119 -0.13 10.10 11.21
CA GLN A 119 0.98 10.84 11.80
C GLN A 119 0.57 11.12 13.20
N PRO A 120 1.54 11.39 14.10
CA PRO A 120 1.18 11.57 15.52
C PRO A 120 0.05 12.63 15.73
N GLY A 121 -1.01 12.28 16.46
CA GLY A 121 -2.07 13.23 16.70
C GLY A 121 -3.03 13.50 15.55
N LYS A 122 -2.79 12.96 14.36
CA LYS A 122 -3.63 13.19 13.18
C LYS A 122 -4.36 11.90 12.86
N TYR A 123 -5.69 11.96 12.74
CA TYR A 123 -6.49 10.74 12.65
C TYR A 123 -7.22 10.57 11.35
N ASN A 124 -7.22 9.34 10.86
CA ASN A 124 -8.09 9.04 9.74
C ASN A 124 -9.50 8.80 10.32
N GLU A 125 -10.39 9.78 10.17
CA GLU A 125 -11.69 9.76 10.81
C GLU A 125 -12.53 8.62 10.21
N GLY A 126 -12.37 8.39 8.92
CA GLY A 126 -13.06 7.25 8.27
C GLY A 126 -12.70 5.91 8.92
N VAL A 127 -11.44 5.74 9.34
CA VAL A 127 -11.04 4.49 10.06
C VAL A 127 -11.55 4.51 11.50
N PHE A 128 -11.49 5.68 12.15
CA PHE A 128 -11.96 5.78 13.54
C PHE A 128 -13.43 5.46 13.68
N VAL A 129 -14.27 5.97 12.76
CA VAL A 129 -15.69 5.64 12.69
C VAL A 129 -15.89 4.12 12.56
N GLY A 130 -14.95 3.43 11.92
CA GLY A 130 -14.95 1.95 11.87
C GLY A 130 -14.97 1.35 13.25
N LEU A 131 -14.16 1.91 14.16
CA LEU A 131 -14.15 1.40 15.55
C LEU A 131 -15.50 1.61 16.27
N ASP A 132 -16.10 2.78 16.03
CA ASP A 132 -17.41 3.19 16.56
C ASP A 132 -18.39 2.14 16.14
N TYR A 133 -18.41 1.79 14.85
CA TYR A 133 -19.39 0.84 14.42
C TYR A 133 -19.09 -0.56 14.97
N LEU A 134 -17.80 -0.89 15.11
CA LEU A 134 -17.42 -2.19 15.65
C LEU A 134 -17.98 -2.37 17.06
N LEU A 135 -17.74 -1.34 17.86
CA LEU A 135 -18.25 -1.34 19.23
C LEU A 135 -19.76 -1.25 19.30
N ASP A 136 -20.40 -0.54 18.35
CA ASP A 136 -21.85 -0.48 18.36
C ASP A 136 -22.48 -1.81 18.00
N THR A 137 -21.92 -2.54 17.05
CA THR A 137 -22.47 -3.83 16.67
C THR A 137 -22.21 -4.87 17.77
N MET A 138 -21.02 -4.80 18.39
CA MET A 138 -20.72 -5.72 19.51
C MET A 138 -21.74 -5.57 20.65
N ASP A 139 -22.14 -4.34 20.92
CA ASP A 139 -23.21 -4.04 21.86
C ASP A 139 -24.51 -4.76 21.50
N ARG A 140 -24.91 -4.72 20.24
CA ARG A 140 -26.21 -5.31 19.89
C ARG A 140 -26.18 -6.81 20.09
N TYR A 141 -24.99 -7.42 20.10
CA TYR A 141 -24.90 -8.85 20.31
C TYR A 141 -24.40 -9.13 21.68
N ASN A 142 -24.34 -8.10 22.52
CA ASN A 142 -23.98 -8.34 23.90
C ASN A 142 -22.62 -9.00 24.08
N MET A 143 -21.65 -8.60 23.26
CA MET A 143 -20.27 -8.99 23.41
C MET A 143 -19.52 -7.87 24.17
N THR A 144 -18.39 -8.20 24.80
CA THR A 144 -17.50 -7.16 25.32
C THR A 144 -16.18 -7.17 24.54
N ALA A 145 -15.48 -6.05 24.61
CA ALA A 145 -14.28 -5.82 23.83
C ALA A 145 -13.07 -5.64 24.72
N VAL A 146 -11.92 -6.22 24.33
CA VAL A 146 -10.66 -5.90 24.96
C VAL A 146 -10.05 -4.99 23.93
N MET A 147 -9.76 -3.75 24.33
CA MET A 147 -9.31 -2.69 23.42
C MET A 147 -7.77 -2.60 23.50
N THR A 148 -7.06 -3.13 22.50
CA THR A 148 -5.63 -3.17 22.46
C THR A 148 -5.11 -1.82 21.97
N LEU A 149 -4.28 -1.16 22.78
CA LEU A 149 -4.00 0.28 22.51
C LEU A 149 -2.79 0.48 21.72
N GLY A 150 -2.03 -0.60 21.52
CA GLY A 150 -0.80 -0.52 20.75
C GLY A 150 -0.26 -1.91 20.47
N ASN A 151 0.91 -1.96 19.82
CA ASN A 151 1.34 -3.23 19.32
C ASN A 151 2.85 -3.27 19.38
N PHE A 152 3.48 -4.27 19.94
CA PHE A 152 4.93 -4.30 19.82
C PHE A 152 5.27 -4.60 18.35
N TRP A 153 4.44 -5.41 17.65
CA TRP A 153 4.84 -5.85 16.29
C TRP A 153 4.51 -4.87 15.21
N GLN A 154 4.98 -5.14 14.01
CA GLN A 154 4.99 -4.18 12.96
C GLN A 154 3.69 -4.05 12.17
N TRP A 155 2.69 -4.90 12.45
CA TRP A 155 1.60 -4.97 11.51
C TRP A 155 0.54 -3.92 11.65
N SER A 156 0.63 -3.12 12.68
CA SER A 156 -0.21 -1.93 12.80
C SER A 156 0.76 -0.74 13.01
N GLY A 157 2.00 -0.87 12.55
CA GLY A 157 3.06 0.16 12.82
C GLY A 157 3.72 -0.13 14.15
N GLY A 158 2.96 0.08 15.20
CA GLY A 158 3.34 -0.17 16.57
C GLY A 158 4.51 0.58 17.15
N PHE A 159 5.12 -0.05 18.15
CA PHE A 159 6.23 0.52 18.91
C PHE A 159 7.35 0.92 17.99
N GLY A 160 7.59 0.08 16.98
CA GLY A 160 8.66 0.38 16.02
C GLY A 160 8.36 1.67 15.29
N GLN A 161 7.08 1.94 15.01
CA GLN A 161 6.78 3.14 14.28
C GLN A 161 6.95 4.38 15.18
N TYR A 162 6.52 4.27 16.44
CA TYR A 162 6.68 5.39 17.34
C TYR A 162 8.14 5.75 17.44
N VAL A 163 9.02 4.73 17.52
CA VAL A 163 10.45 4.94 17.58
C VAL A 163 10.94 5.69 16.32
N ALA A 164 10.42 5.32 15.15
CA ALA A 164 10.77 5.94 13.88
C ALA A 164 10.35 7.44 13.84
N TRP A 165 9.17 7.74 14.31
CA TRP A 165 8.78 9.11 14.44
C TRP A 165 9.72 9.95 15.37
N ILE A 166 10.02 9.46 16.56
CA ILE A 166 10.98 10.07 17.45
C ILE A 166 12.40 10.23 16.83
N THR A 167 13.02 9.20 16.30
CA THR A 167 14.36 9.40 15.78
C THR A 167 14.32 10.12 14.43
N GLY A 168 13.13 10.42 13.91
CA GLY A 168 13.00 10.96 12.54
C GLY A 168 13.50 10.03 11.42
N ASN A 169 13.80 8.77 11.71
CA ASN A 169 14.30 7.83 10.68
C ASN A 169 13.30 6.73 10.27
N GLN A 170 12.68 6.91 9.11
CA GLN A 170 11.59 6.06 8.62
C GLN A 170 12.00 4.65 8.08
N THR A 171 13.28 4.31 8.15
CA THR A 171 13.72 2.96 7.76
C THR A 171 13.72 2.00 8.94
N ILE A 172 12.58 1.38 9.15
CA ILE A 172 12.42 0.41 10.18
C ILE A 172 13.04 -0.87 9.65
N PRO A 173 13.85 -1.55 10.48
CA PRO A 173 14.41 -2.83 10.01
C PRO A 173 13.37 -4.00 10.03
N TYR A 174 12.42 -3.99 9.10
CA TYR A 174 11.45 -5.11 9.06
C TYR A 174 12.13 -6.49 8.98
N PRO A 175 11.65 -7.46 9.80
CA PRO A 175 12.39 -8.72 9.82
C PRO A 175 12.01 -9.57 8.58
N VAL A 176 12.34 -9.09 7.39
CA VAL A 176 12.22 -9.88 6.18
C VAL A 176 13.62 -10.03 5.55
N GLY A 177 13.76 -11.02 4.64
CA GLY A 177 15.07 -11.34 4.04
C GLY A 177 16.15 -11.67 5.10
N ASP A 178 17.26 -10.92 5.07
CA ASP A 178 18.35 -11.22 6.00
C ASP A 178 18.11 -10.69 7.45
N VAL A 179 17.16 -9.77 7.64
CA VAL A 179 16.90 -9.24 8.98
C VAL A 179 16.08 -10.22 9.87
N THR A 180 16.55 -10.50 11.09
CA THR A 180 15.85 -11.42 11.93
C THR A 180 14.85 -10.68 12.82
N TYR A 181 13.91 -11.42 13.38
CA TYR A 181 13.03 -10.94 14.48
C TYR A 181 13.76 -10.29 15.69
N ASP A 182 14.97 -10.79 16.02
CA ASP A 182 15.74 -10.33 17.20
C ASP A 182 16.19 -8.89 16.94
N GLU A 183 16.67 -8.67 15.73
CA GLU A 183 17.04 -7.34 15.31
C GLU A 183 15.87 -6.34 15.25
N PHE A 184 14.70 -6.77 14.78
CA PHE A 184 13.56 -5.92 14.75
C PHE A 184 13.15 -5.64 16.19
N THR A 185 13.25 -6.64 17.05
CA THR A 185 12.85 -6.50 18.45
C THR A 185 13.70 -5.50 19.20
N GLN A 186 15.01 -5.59 19.07
CA GLN A 186 15.91 -4.59 19.63
C GLN A 186 15.62 -3.18 19.10
N PHE A 187 15.16 -3.04 17.86
CA PHE A 187 14.78 -1.70 17.43
C PHE A 187 13.49 -1.15 18.11
N ALA A 188 12.46 -2.00 18.21
CA ALA A 188 11.18 -1.58 18.67
C ALA A 188 11.22 -1.37 20.20
N ALA A 189 12.05 -2.20 20.85
CA ALA A 189 12.17 -2.17 22.33
C ALA A 189 12.81 -0.85 22.82
N ARG A 190 13.38 -0.07 21.92
CA ARG A 190 13.86 1.27 22.32
C ARG A 190 12.72 2.22 22.75
N PHE A 191 11.48 1.86 22.34
CA PHE A 191 10.28 2.55 22.75
C PHE A 191 10.24 2.73 24.26
N TYR A 192 10.70 1.73 25.00
CA TYR A 192 10.72 1.81 26.48
C TYR A 192 12.08 1.56 27.13
N ASN A 193 13.07 1.08 26.40
CA ASN A 193 14.39 0.88 26.99
C ASN A 193 15.40 2.02 26.73
N ASP A 194 15.20 2.82 25.70
CA ASP A 194 16.19 3.85 25.37
C ASP A 194 15.85 5.17 26.14
N SER A 195 16.76 5.58 27.02
CA SER A 195 16.45 6.61 28.01
C SER A 195 16.15 7.96 27.35
N GLU A 196 16.56 8.10 26.09
CA GLU A 196 16.24 9.29 25.36
C GLU A 196 14.96 9.21 24.50
N ILE A 197 14.83 8.10 23.79
CA ILE A 197 13.67 7.86 23.02
C ILE A 197 12.39 7.61 23.86
N ALA A 198 12.46 6.82 24.93
CA ALA A 198 11.25 6.35 25.63
C ALA A 198 10.27 7.46 26.11
N PRO A 199 10.80 8.61 26.62
CA PRO A 199 9.89 9.63 27.14
C PRO A 199 9.10 10.33 26.04
N LYS A 200 9.74 10.58 24.92
CA LYS A 200 9.03 11.20 23.82
C LYS A 200 8.08 10.17 23.21
N ALA A 201 8.51 8.93 23.10
CA ALA A 201 7.64 7.93 22.48
C ALA A 201 6.44 7.74 23.36
N ASN A 202 6.68 7.66 24.66
CA ASN A 202 5.55 7.46 25.53
C ASN A 202 4.59 8.63 25.58
N LYS A 203 5.08 9.82 25.28
CA LYS A 203 4.24 11.00 25.29
CA LYS A 203 4.22 11.00 25.28
C LYS A 203 3.24 10.82 24.12
N LEU A 204 3.74 10.46 22.95
CA LEU A 204 2.84 10.24 21.78
C LEU A 204 1.83 9.13 21.99
N PHE A 205 2.23 8.07 22.67
CA PHE A 205 1.42 6.89 22.92
C PHE A 205 0.33 7.27 23.89
N LYS A 206 0.73 7.95 24.96
CA LYS A 206 -0.24 8.55 25.89
C LYS A 206 -1.29 9.47 25.22
N ASP A 207 -0.89 10.31 24.27
CA ASP A 207 -1.87 11.14 23.55
C ASP A 207 -2.84 10.29 22.79
N HIS A 208 -2.38 9.15 22.25
CA HIS A 208 -3.27 8.26 21.55
C HIS A 208 -4.19 7.60 22.52
N ILE A 209 -3.66 7.06 23.63
CA ILE A 209 -4.53 6.46 24.66
C ILE A 209 -5.64 7.45 25.09
N TYR A 210 -5.25 8.70 25.34
CA TYR A 210 -6.21 9.72 25.78
C TYR A 210 -7.34 9.88 24.76
N THR A 211 -6.96 10.02 23.50
CA THR A 211 -7.91 10.19 22.40
C THR A 211 -8.83 9.02 22.26
N VAL A 212 -8.32 7.80 22.42
CA VAL A 212 -9.25 6.68 22.31
C VAL A 212 -10.21 6.59 23.52
N GLN A 213 -9.68 6.76 24.74
CA GLN A 213 -10.55 6.70 25.92
C GLN A 213 -11.66 7.77 25.94
N ASN A 214 -11.40 8.88 25.25
CA ASN A 214 -12.31 10.03 25.25
C ASN A 214 -13.13 10.14 23.97
N ARG A 215 -13.06 9.13 23.11
CA ARG A 215 -13.78 9.22 21.86
C ARG A 215 -15.26 9.16 22.21
N ARG A 216 -16.05 10.06 21.62
CA ARG A 216 -17.49 9.92 21.61
C ARG A 216 -17.82 9.01 20.42
N ASN A 217 -18.49 7.90 20.66
CA ASN A 217 -18.92 7.03 19.61
C ASN A 217 -19.97 7.69 18.75
N THR A 218 -19.64 7.91 17.48
CA THR A 218 -20.56 8.70 16.63
C THR A 218 -21.85 7.95 16.30
N VAL A 219 -21.88 6.64 16.55
CA VAL A 219 -23.04 5.86 16.16
C VAL A 219 -24.07 5.81 17.29
N ASN A 220 -23.61 5.58 18.52
CA ASN A 220 -24.54 5.48 19.63
C ASN A 220 -24.37 6.55 20.70
N GLY A 221 -23.51 7.52 20.49
CA GLY A 221 -23.32 8.59 21.49
C GLY A 221 -22.49 8.28 22.76
N LYS A 222 -22.18 7.01 23.05
CA LYS A 222 -21.48 6.71 24.34
C LYS A 222 -20.04 7.20 24.32
N ILE A 223 -19.50 7.77 25.38
CA ILE A 223 -18.02 8.12 25.42
C ILE A 223 -17.30 6.77 25.75
N TYR A 224 -16.17 6.45 25.11
CA TYR A 224 -15.63 5.07 25.27
C TYR A 224 -15.34 4.69 26.73
N LYS A 225 -14.86 5.66 27.51
CA LYS A 225 -14.48 5.39 28.92
C LYS A 225 -15.64 5.14 29.87
N GLU A 226 -16.85 5.42 29.38
CA GLU A 226 -18.13 5.20 30.04
C GLU A 226 -18.88 4.05 29.37
N ASP A 227 -18.31 3.40 28.38
CA ASP A 227 -19.05 2.34 27.67
C ASP A 227 -18.82 0.93 28.30
N PRO A 228 -19.85 0.36 28.94
CA PRO A 228 -19.76 -0.97 29.54
C PRO A 228 -19.48 -2.06 28.50
N VAL A 229 -19.62 -1.77 27.20
CA VAL A 229 -19.30 -2.74 26.17
C VAL A 229 -17.77 -3.06 26.16
N ILE A 230 -16.96 -2.14 26.68
CA ILE A 230 -15.53 -2.33 26.70
C ILE A 230 -15.18 -3.00 28.01
N MET A 231 -14.65 -4.21 27.91
CA MET A 231 -14.27 -4.96 29.12
C MET A 231 -12.97 -4.39 29.73
N SER A 232 -12.01 -4.09 28.86
CA SER A 232 -10.73 -3.65 29.34
C SER A 232 -9.91 -2.85 28.31
N TRP A 233 -9.01 -2.04 28.84
CA TRP A 233 -7.99 -1.44 28.02
C TRP A 233 -6.75 -2.30 28.13
N GLN A 234 -6.12 -2.57 26.99
CA GLN A 234 -4.93 -3.35 26.99
C GLN A 234 -3.77 -2.50 26.47
N ILE A 235 -2.73 -2.41 27.30
CA ILE A 235 -1.54 -1.57 27.04
C ILE A 235 -1.04 -1.84 25.65
N ALA A 236 -0.69 -3.09 25.33
CA ALA A 236 -0.18 -3.34 23.99
C ALA A 236 -0.23 -4.79 23.66
N ASN A 237 -0.22 -5.15 22.38
CA ASN A 237 -0.01 -6.52 22.03
C ASN A 237 1.47 -6.99 22.24
N ALA A 238 1.72 -7.85 23.21
CA ALA A 238 3.03 -8.57 23.25
C ALA A 238 4.28 -7.71 23.47
N PRO A 239 4.27 -6.79 24.44
CA PRO A 239 5.57 -6.09 24.71
C PRO A 239 6.71 -7.09 25.05
N GLN A 240 7.88 -6.89 24.45
CA GLN A 240 8.99 -7.83 24.64
C GLN A 240 9.94 -7.33 25.74
N GLU A 241 9.90 -7.95 26.90
CA GLU A 241 10.77 -7.60 28.05
C GLU A 241 10.82 -6.07 28.40
N ALA A 242 9.63 -5.50 28.54
CA ALA A 242 9.50 -4.16 28.99
C ALA A 242 9.88 -4.16 30.47
N PRO A 243 10.49 -3.08 30.95
CA PRO A 243 10.71 -3.06 32.39
C PRO A 243 9.42 -2.84 33.24
N ALA A 244 9.49 -3.39 34.44
CA ALA A 244 8.46 -3.22 35.43
C ALA A 244 7.96 -1.79 35.54
N SER A 245 8.86 -0.82 35.58
CA SER A 245 8.42 0.56 35.87
C SER A 245 7.60 1.08 34.66
N TRP A 246 7.84 0.55 33.47
CA TRP A 246 7.01 0.90 32.36
C TRP A 246 5.57 0.36 32.50
N PHE A 247 5.42 -0.90 32.91
CA PHE A 247 4.06 -1.40 33.07
C PHE A 247 3.34 -0.66 34.17
N GLU A 248 4.09 -0.39 35.26
CA GLU A 248 3.59 0.40 36.41
CA GLU A 248 3.58 0.40 36.40
C GLU A 248 3.01 1.75 35.95
N GLU A 249 3.82 2.51 35.23
CA GLU A 249 3.45 3.81 34.80
C GLU A 249 2.26 3.80 33.85
N ILE A 250 2.36 3.00 32.79
CA ILE A 250 1.36 3.03 31.75
C ILE A 250 0.00 2.53 32.26
N SER A 251 0.03 1.52 33.11
CA SER A 251 -1.22 0.96 33.55
C SER A 251 -1.93 1.97 34.43
N THR A 252 -1.11 2.66 35.23
CA THR A 252 -1.64 3.69 36.11
C THR A 252 -2.31 4.78 35.30
N PHE A 253 -1.64 5.25 34.24
CA PHE A 253 -2.16 6.26 33.41
C PHE A 253 -3.48 5.81 32.71
N ILE A 254 -3.51 4.57 32.19
CA ILE A 254 -4.72 4.06 31.53
C ILE A 254 -5.88 4.05 32.51
N LYS A 255 -5.65 3.51 33.71
CA LYS A 255 -6.67 3.47 34.79
C LYS A 255 -7.15 4.86 35.24
N LYS A 256 -6.27 5.81 35.45
CA LYS A 256 -6.78 7.15 35.80
C LYS A 256 -7.63 7.68 34.63
N GLY A 257 -7.27 7.28 33.41
CA GLY A 257 -7.96 7.73 32.23
C GLY A 257 -9.35 7.15 32.10
N ALA A 258 -9.51 5.88 32.49
CA ALA A 258 -10.81 5.20 32.48
C ALA A 258 -11.04 4.41 33.76
N PRO A 259 -11.49 5.08 34.87
CA PRO A 259 -11.52 4.41 36.19
C PRO A 259 -12.56 3.34 36.31
N LYS A 260 -13.48 3.24 35.36
CA LYS A 260 -14.45 2.15 35.43
C LYS A 260 -13.99 0.83 34.78
N HIS A 261 -12.85 0.85 34.08
CA HIS A 261 -12.57 -0.30 33.24
C HIS A 261 -11.44 -1.13 33.75
N LEU A 262 -11.40 -2.41 33.37
CA LEU A 262 -10.20 -3.20 33.69
C LEU A 262 -9.05 -2.76 32.80
N VAL A 263 -7.83 -3.00 33.29
CA VAL A 263 -6.64 -2.76 32.54
C VAL A 263 -5.81 -4.02 32.45
N SER A 264 -5.27 -4.23 31.28
CA SER A 264 -4.59 -5.44 30.99
C SER A 264 -3.23 -5.15 30.32
N ALA A 265 -2.25 -6.05 30.52
CA ALA A 265 -0.88 -5.86 30.02
C ALA A 265 -0.66 -6.28 28.59
N GLY A 266 -1.33 -7.35 28.14
CA GLY A 266 -1.08 -7.87 26.77
C GLY A 266 0.13 -8.82 26.57
N LEU A 267 0.69 -9.31 27.67
CA LEU A 267 1.92 -10.14 27.68
C LEU A 267 1.68 -11.56 27.12
N GLU A 268 2.65 -12.11 26.40
CA GLU A 268 2.56 -13.50 25.92
C GLU A 268 2.73 -14.49 27.07
N SER A 269 3.50 -14.07 28.10
CA SER A 269 3.94 -14.98 29.14
C SER A 269 4.64 -16.24 28.51
N LYS A 270 5.51 -16.01 27.54
CA LYS A 270 6.23 -17.13 26.93
C LYS A 270 7.54 -17.50 27.65
N LEU A 271 7.91 -16.71 28.67
CA LEU A 271 9.18 -16.96 29.31
C LEU A 271 8.99 -17.66 30.65
N ASP A 272 9.32 -16.99 31.76
CA ASP A 272 9.19 -17.63 33.05
C ASP A 272 8.37 -16.76 34.01
N GLU A 273 8.29 -17.17 35.26
CA GLU A 273 7.47 -16.52 36.23
C GLU A 273 7.95 -15.09 36.52
N TYR A 274 9.25 -14.89 36.50
CA TYR A 274 9.85 -13.59 36.73
C TYR A 274 9.33 -12.58 35.69
N ASP A 275 9.36 -12.97 34.41
CA ASP A 275 8.84 -12.17 33.27
C ASP A 275 7.35 -11.88 33.42
N PHE A 276 6.60 -12.91 33.82
CA PHE A 276 5.18 -12.82 34.12
C PHE A 276 4.87 -11.83 35.26
N ASP A 277 5.68 -11.88 36.33
CA ASP A 277 5.53 -10.91 37.46
C ASP A 277 5.86 -9.47 37.14
N ARG A 278 6.86 -9.25 36.30
CA ARG A 278 7.28 -7.91 35.84
C ARG A 278 6.13 -7.20 35.05
N ALA A 279 5.34 -7.98 34.33
CA ALA A 279 4.22 -7.44 33.62
C ALA A 279 2.99 -7.31 34.50
N HIS A 280 2.73 -8.27 35.38
CA HIS A 280 1.43 -8.36 36.02
C HIS A 280 1.38 -7.95 37.47
N ASP A 281 2.50 -7.92 38.15
CA ASP A 281 2.44 -7.63 39.57
C ASP A 281 2.38 -6.09 39.79
N HIS A 282 1.23 -5.48 39.57
CA HIS A 282 1.08 -4.03 39.62
C HIS A 282 -0.37 -3.84 39.94
N LYS A 283 -0.65 -2.83 40.78
CA LYS A 283 -1.98 -2.58 41.33
C LYS A 283 -2.98 -2.28 40.20
N ASN A 284 -2.53 -1.64 39.13
CA ASN A 284 -3.47 -1.30 38.05
C ASN A 284 -3.50 -2.29 36.86
N ILE A 285 -2.84 -3.45 37.00
CA ILE A 285 -2.99 -4.52 36.03
C ILE A 285 -4.02 -5.44 36.71
N ASP A 286 -5.24 -5.49 36.18
CA ASP A 286 -6.31 -6.17 36.89
C ASP A 286 -6.38 -7.66 36.66
N TYR A 287 -5.95 -8.14 35.50
CA TYR A 287 -5.95 -9.59 35.25
C TYR A 287 -4.74 -9.97 34.43
N THR A 288 -4.49 -11.25 34.23
CA THR A 288 -3.29 -11.70 33.51
C THR A 288 -3.67 -12.36 32.17
N THR A 289 -2.73 -12.44 31.23
CA THR A 289 -3.01 -13.04 29.95
C THR A 289 -1.80 -13.90 29.57
N CYS A 290 -2.03 -14.90 28.73
CA CYS A 290 -0.96 -15.58 27.98
C CYS A 290 -1.40 -15.86 26.50
N HIS A 291 -0.38 -16.10 25.66
CA HIS A 291 -0.49 -16.33 24.23
C HIS A 291 0.22 -17.63 23.97
N CYS A 292 -0.35 -18.58 23.24
CA CYS A 292 0.41 -19.81 23.04
C CYS A 292 0.63 -20.07 21.54
N TRP A 293 1.89 -19.96 21.07
CA TRP A 293 2.26 -20.18 19.67
C TRP A 293 3.29 -21.30 19.46
N VAL A 294 2.79 -22.53 19.33
CA VAL A 294 3.69 -23.68 19.10
C VAL A 294 4.50 -23.60 17.79
N GLU A 295 3.89 -23.15 16.69
CA GLU A 295 4.65 -23.18 15.45
C GLU A 295 5.72 -22.09 15.50
N ASN A 296 5.28 -20.87 15.80
CA ASN A 296 6.20 -19.71 15.95
C ASN A 296 7.32 -19.98 16.92
N TRP A 297 7.08 -20.75 17.97
CA TRP A 297 8.22 -21.03 18.89
C TRP A 297 9.07 -22.25 18.59
N GLY A 298 8.84 -22.88 17.43
CA GLY A 298 9.60 -24.06 17.03
C GLY A 298 9.19 -25.36 17.76
N ILE A 299 8.05 -25.34 18.46
CA ILE A 299 7.57 -26.51 19.17
C ILE A 299 6.92 -27.51 18.19
N TYR A 300 6.35 -27.01 17.09
CA TYR A 300 5.39 -27.74 16.27
C TYR A 300 5.74 -27.46 14.85
N ASP A 301 5.84 -28.49 14.03
CA ASP A 301 6.03 -28.27 12.60
C ASP A 301 4.75 -28.80 11.91
N PRO A 302 3.96 -27.93 11.24
CA PRO A 302 2.72 -28.34 10.64
C PRO A 302 2.89 -29.23 9.38
N ALA A 303 4.11 -29.34 8.88
CA ALA A 303 4.41 -30.19 7.73
C ALA A 303 4.73 -31.63 8.11
N ASP A 304 4.93 -31.83 9.41
CA ASP A 304 5.23 -33.12 10.00
C ASP A 304 3.94 -33.89 10.44
N PRO A 305 3.64 -35.03 9.77
CA PRO A 305 2.34 -35.70 10.05
C PRO A 305 2.30 -36.22 11.48
N ASP A 306 3.45 -36.34 12.13
CA ASP A 306 3.51 -36.91 13.49
C ASP A 306 3.73 -35.91 14.61
N GLY A 307 3.65 -34.63 14.30
CA GLY A 307 4.02 -33.62 15.30
C GLY A 307 2.97 -33.18 16.28
N LEU A 308 1.70 -33.61 16.12
CA LEU A 308 0.63 -33.09 16.96
C LEU A 308 0.86 -33.46 18.45
N PRO A 309 1.16 -34.73 18.75
CA PRO A 309 1.21 -35.04 20.24
C PRO A 309 2.12 -34.09 21.07
N HIS A 310 3.23 -33.66 20.48
CA HIS A 310 4.18 -32.82 21.18
C HIS A 310 3.62 -31.39 21.38
N ALA A 311 2.85 -30.88 20.43
CA ALA A 311 2.19 -29.62 20.58
C ALA A 311 1.09 -29.68 21.64
N ASN A 312 0.30 -30.77 21.63
CA ASN A 312 -0.76 -30.94 22.65
C ASN A 312 -0.19 -30.89 24.07
N GLU A 313 0.94 -31.60 24.28
CA GLU A 313 1.60 -31.63 25.60
C GLU A 313 2.15 -30.30 26.04
N TYR A 314 2.77 -29.58 25.10
CA TYR A 314 3.20 -28.27 25.34
C TYR A 314 2.01 -27.38 25.76
N MET A 315 0.91 -27.45 25.00
CA MET A 315 -0.29 -26.60 25.31
C MET A 315 -0.69 -26.97 26.72
N HIS A 316 -0.71 -28.28 26.94
CA HIS A 316 -1.06 -28.82 28.27
C HIS A 316 -0.24 -28.26 29.44
N ASP A 317 1.09 -28.23 29.37
CA ASP A 317 1.88 -27.72 30.52
C ASP A 317 1.83 -26.18 30.56
N PHE A 318 1.68 -25.56 29.39
CA PHE A 318 1.53 -24.14 29.32
C PHE A 318 0.35 -23.71 30.14
N LEU A 319 -0.82 -24.32 29.90
CA LEU A 319 -2.00 -23.92 30.67
C LEU A 319 -1.91 -24.17 32.19
N GLU A 320 -1.38 -25.33 32.60
CA GLU A 320 -1.20 -25.69 34.03
C GLU A 320 -0.22 -24.72 34.69
N SER A 321 0.95 -24.47 34.07
CA SER A 321 1.95 -23.56 34.73
C SER A 321 1.53 -22.06 34.76
N ARG A 322 1.01 -21.55 33.65
CA ARG A 322 0.49 -20.17 33.67
C ARG A 322 -0.68 -20.00 34.66
N SER A 323 -1.58 -20.98 34.67
CA SER A 323 -2.57 -21.00 35.68
C SER A 323 -1.99 -20.81 37.08
N LYS A 324 -0.93 -21.56 37.45
CA LYS A 324 -0.28 -21.42 38.79
C LYS A 324 0.28 -20.03 38.99
N TRP A 325 0.91 -19.47 37.97
CA TRP A 325 1.46 -18.15 38.12
C TRP A 325 0.37 -17.15 38.36
N ALA A 326 -0.80 -17.30 37.70
CA ALA A 326 -1.88 -16.33 37.92
C ALA A 326 -2.36 -16.45 39.37
N ALA A 327 -2.56 -17.70 39.84
CA ALA A 327 -3.01 -17.95 41.21
C ALA A 327 -2.10 -17.37 42.29
N GLN A 328 -0.78 -17.39 42.06
CA GLN A 328 0.24 -16.79 42.95
C GLN A 328 0.08 -15.25 43.08
N LEU A 329 -0.49 -14.59 42.07
CA LEU A 329 -0.76 -13.20 42.16
C LEU A 329 -2.22 -13.01 42.56
N ASN A 330 -2.96 -14.08 42.67
CA ASN A 330 -4.38 -13.96 42.96
C ASN A 330 -5.12 -13.04 41.96
N LYS A 331 -4.82 -13.24 40.67
CA LYS A 331 -5.52 -12.52 39.55
C LYS A 331 -6.05 -13.52 38.51
N PRO A 332 -7.12 -13.17 37.75
CA PRO A 332 -7.67 -14.09 36.73
C PRO A 332 -6.69 -14.23 35.61
N ILE A 333 -6.86 -15.24 34.76
CA ILE A 333 -6.02 -15.42 33.58
C ILE A 333 -6.88 -15.80 32.38
N VAL A 334 -6.52 -15.25 31.21
CA VAL A 334 -7.22 -15.50 29.98
C VAL A 334 -6.12 -15.90 29.01
N MET A 335 -6.31 -16.99 28.25
CA MET A 335 -5.47 -17.28 27.07
C MET A 335 -6.00 -16.55 25.87
N GLU A 336 -5.43 -15.35 25.67
CA GLU A 336 -6.08 -14.37 24.77
C GLU A 336 -5.58 -14.49 23.36
N GLU A 337 -4.63 -15.39 23.12
CA GLU A 337 -4.26 -15.76 21.74
C GLU A 337 -3.74 -17.18 21.76
N PHE A 338 -4.20 -17.99 20.81
CA PHE A 338 -3.54 -19.23 20.48
C PHE A 338 -4.04 -19.63 19.07
N GLY A 339 -3.25 -20.43 18.36
CA GLY A 339 -3.66 -20.93 17.11
C GLY A 339 -2.76 -22.03 16.54
N MET A 340 -3.20 -22.57 15.40
CA MET A 340 -2.47 -23.58 14.71
C MET A 340 -2.80 -23.49 13.21
N ALA A 341 -1.79 -23.85 12.42
CA ALA A 341 -1.87 -23.92 10.96
C ALA A 341 -2.83 -25.05 10.46
N ARG A 342 -3.16 -24.99 9.15
CA ARG A 342 -3.88 -26.03 8.48
C ARG A 342 -2.91 -27.25 8.23
N ASP A 343 -3.49 -28.36 7.72
CA ASP A 343 -2.79 -29.65 7.56
C ASP A 343 -1.76 -29.68 6.46
N ALA A 344 -0.68 -28.96 6.64
CA ALA A 344 0.33 -28.85 5.61
C ALA A 344 0.99 -30.20 5.42
N TRP A 345 0.94 -31.06 6.45
CA TRP A 345 1.62 -32.37 6.38
C TRP A 345 0.95 -33.27 5.32
N ARG A 346 -0.25 -32.91 4.83
CA ARG A 346 -0.88 -33.75 3.82
C ARG A 346 -0.18 -33.62 2.47
N ASN A 347 0.65 -32.57 2.35
CA ASN A 347 1.32 -32.21 1.08
C ASN A 347 2.53 -31.31 1.38
N PRO A 348 3.49 -31.86 2.13
CA PRO A 348 4.58 -31.16 2.79
C PRO A 348 5.46 -30.34 1.90
N GLU A 349 5.69 -30.80 0.68
CA GLU A 349 6.67 -30.19 -0.26
C GLU A 349 6.03 -29.05 -1.08
N ASP A 350 4.77 -28.73 -0.80
CA ASP A 350 4.07 -27.68 -1.51
C ASP A 350 3.71 -26.48 -0.59
N GLU A 351 4.52 -25.45 -0.62
CA GLU A 351 4.28 -24.33 0.33
C GLU A 351 2.87 -23.71 0.22
N THR A 352 2.33 -23.58 -0.99
CA THR A 352 1.05 -22.81 -1.10
C THR A 352 -0.16 -23.59 -0.52
N TYR A 353 -0.03 -24.90 -0.54
CA TYR A 353 -1.05 -25.78 -0.05
C TYR A 353 -1.45 -25.49 1.38
N LYS A 354 -0.45 -25.16 2.19
CA LYS A 354 -0.62 -24.83 3.62
C LYS A 354 -1.65 -23.72 3.90
N TYR A 355 -1.83 -22.80 2.94
CA TYR A 355 -2.66 -21.63 3.20
C TYR A 355 -3.98 -21.66 2.45
N LEU A 356 -4.21 -22.70 1.68
CA LEU A 356 -5.45 -22.77 0.89
C LEU A 356 -6.63 -23.07 1.81
N PRO A 357 -7.72 -22.31 1.65
CA PRO A 357 -8.86 -22.59 2.51
C PRO A 357 -9.35 -24.05 2.34
N SER A 358 -9.17 -24.64 1.16
CA SER A 358 -9.75 -25.98 0.96
C SER A 358 -8.90 -27.02 1.72
N THR A 359 -7.70 -26.63 2.20
CA THR A 359 -6.86 -27.56 2.95
C THR A 359 -7.51 -27.85 4.29
N PRO A 360 -7.59 -29.13 4.72
CA PRO A 360 -8.26 -29.38 6.01
C PRO A 360 -7.46 -28.98 7.25
N THR A 361 -8.13 -29.03 8.40
CA THR A 361 -7.62 -28.57 9.65
C THR A 361 -7.74 -29.66 10.70
N SER A 362 -7.47 -30.91 10.34
CA SER A 362 -7.61 -31.97 11.34
CA SER A 362 -7.60 -31.98 11.33
C SER A 362 -6.66 -31.77 12.54
N HIS A 363 -5.42 -31.35 12.33
CA HIS A 363 -4.53 -31.09 13.52
C HIS A 363 -5.04 -29.94 14.39
N LYS A 364 -5.32 -28.82 13.73
CA LYS A 364 -5.85 -27.59 14.38
C LYS A 364 -7.10 -27.95 15.17
N ASP A 365 -8.02 -28.71 14.57
CA ASP A 365 -9.20 -29.11 15.26
C ASP A 365 -8.95 -29.90 16.57
N GLU A 366 -8.01 -30.85 16.57
CA GLU A 366 -7.71 -31.61 17.75
C GLU A 366 -6.98 -30.73 18.79
N TYR A 367 -6.09 -29.90 18.30
CA TYR A 367 -5.38 -29.00 19.18
C TYR A 367 -6.32 -28.02 19.90
N TYR A 368 -7.24 -27.38 19.15
CA TYR A 368 -8.26 -26.50 19.73
C TYR A 368 -9.16 -27.25 20.73
N GLN A 369 -9.68 -28.39 20.29
CA GLN A 369 -10.50 -29.22 21.17
C GLN A 369 -9.83 -29.63 22.51
N LYS A 370 -8.57 -30.05 22.46
CA LYS A 370 -7.92 -30.38 23.71
C LYS A 370 -7.65 -29.20 24.59
N ALA A 371 -7.18 -28.10 24.01
CA ALA A 371 -6.99 -26.89 24.82
C ALA A 371 -8.35 -26.47 25.44
N PHE A 372 -9.43 -26.47 24.64
CA PHE A 372 -10.72 -26.02 25.14
C PHE A 372 -11.19 -26.91 26.29
N ASN A 373 -11.08 -28.23 26.11
CA ASN A 373 -11.47 -29.16 27.16
C ASN A 373 -10.71 -28.91 28.44
N GLN A 374 -9.41 -28.61 28.32
CA GLN A 374 -8.62 -28.32 29.50
C GLN A 374 -9.04 -26.99 30.16
N ILE A 375 -9.24 -25.95 29.37
CA ILE A 375 -9.76 -24.66 29.93
C ILE A 375 -11.08 -24.80 30.65
N VAL A 376 -11.98 -25.58 30.09
CA VAL A 376 -13.27 -25.80 30.71
C VAL A 376 -13.17 -26.50 32.08
N SER A 377 -12.29 -27.48 32.16
CA SER A 377 -11.98 -28.18 33.38
C SER A 377 -11.32 -27.24 34.40
N LEU A 378 -10.29 -26.47 34.02
CA LEU A 378 -9.69 -25.47 34.93
C LEU A 378 -10.71 -24.42 35.34
N ALA A 379 -11.59 -23.99 34.43
CA ALA A 379 -12.53 -22.91 34.76
C ALA A 379 -13.53 -23.45 35.81
N SER A 380 -13.79 -24.74 35.80
CA SER A 380 -14.65 -25.35 36.81
C SER A 380 -14.18 -25.22 38.23
N ASN A 381 -12.87 -25.16 38.44
CA ASN A 381 -12.27 -24.89 39.74
C ASN A 381 -11.80 -23.43 39.87
N ARG A 382 -12.24 -22.59 38.95
CA ARG A 382 -11.92 -21.15 38.93
C ARG A 382 -10.45 -20.90 38.83
N SER A 383 -9.73 -21.62 37.96
CA SER A 383 -8.29 -21.42 37.78
CA SER A 383 -8.29 -21.41 37.78
C SER A 383 -7.92 -20.96 36.36
N PHE A 384 -8.94 -20.59 35.57
CA PHE A 384 -8.79 -20.05 34.23
C PHE A 384 -10.10 -19.38 33.90
N SER A 385 -10.07 -18.27 33.15
CA SER A 385 -11.30 -17.47 32.86
C SER A 385 -11.78 -17.49 31.42
N GLY A 386 -11.11 -18.22 30.53
CA GLY A 386 -11.54 -18.37 29.12
C GLY A 386 -10.37 -18.15 28.18
N SER A 387 -10.69 -17.78 26.98
CA SER A 387 -9.68 -17.63 25.97
C SER A 387 -10.26 -16.93 24.72
N ASN A 388 -9.35 -16.39 23.89
CA ASN A 388 -9.65 -15.88 22.59
C ASN A 388 -8.79 -16.62 21.53
N PHE A 389 -9.39 -17.47 20.70
CA PHE A 389 -8.61 -18.03 19.60
C PHE A 389 -8.14 -16.94 18.62
N TRP A 390 -6.98 -17.20 17.98
CA TRP A 390 -6.44 -16.33 16.95
C TRP A 390 -6.43 -17.07 15.62
N ALA A 391 -7.32 -16.69 14.69
CA ALA A 391 -8.19 -15.50 14.85
C ALA A 391 -9.34 -15.72 13.87
N TYR A 392 -10.44 -14.98 14.03
CA TYR A 392 -11.60 -15.26 13.18
C TYR A 392 -11.43 -14.59 11.82
N GLY A 393 -11.49 -15.40 10.75
CA GLY A 393 -11.38 -14.90 9.38
C GLY A 393 -12.75 -14.59 8.76
N GLY A 394 -13.79 -15.24 9.26
CA GLY A 394 -15.10 -14.97 8.73
C GLY A 394 -15.33 -15.28 7.23
N GLU A 395 -15.69 -14.24 6.48
CA GLU A 395 -15.93 -14.34 5.05
C GLU A 395 -14.70 -14.04 4.22
N GLY A 396 -13.64 -13.46 4.82
CA GLY A 396 -12.35 -13.33 4.11
C GLY A 396 -11.81 -14.71 3.68
N ARG A 397 -11.06 -14.74 2.59
CA ARG A 397 -10.36 -15.96 2.18
C ARG A 397 -8.94 -15.52 1.69
N SER A 398 -7.91 -16.34 1.92
CA SER A 398 -6.59 -16.01 1.42
C SER A 398 -6.48 -16.07 -0.15
N THR A 399 -7.44 -16.71 -0.81
CA THR A 399 -7.44 -16.67 -2.27
C THR A 399 -8.04 -15.41 -2.92
N TYR A 400 -8.70 -14.56 -2.14
CA TYR A 400 -9.24 -13.31 -2.69
C TYR A 400 -8.20 -12.25 -3.06
N PRO A 401 -8.55 -11.38 -4.02
CA PRO A 401 -7.74 -10.23 -4.42
C PRO A 401 -7.72 -9.15 -3.28
N PRO A 402 -6.58 -8.46 -3.10
CA PRO A 402 -6.46 -7.34 -2.14
C PRO A 402 -7.47 -6.27 -2.53
N ASN A 403 -8.00 -5.51 -1.57
CA ASN A 403 -8.86 -4.37 -1.89
C ASN A 403 -7.96 -3.22 -2.47
N PRO A 404 -8.54 -2.03 -2.76
CA PRO A 404 -7.70 -1.07 -3.39
C PRO A 404 -6.61 -0.52 -2.49
N TYR A 405 -6.62 -0.77 -1.17
CA TYR A 405 -5.52 -0.30 -0.36
C TYR A 405 -4.52 -1.43 -0.15
N GLY A 406 -4.75 -2.57 -0.80
CA GLY A 406 -3.83 -3.66 -0.77
C GLY A 406 -4.07 -4.69 0.30
N MET A 407 -5.23 -4.62 0.92
CA MET A 407 -5.50 -5.48 2.07
C MET A 407 -6.34 -6.68 1.65
N VAL A 408 -5.89 -7.88 2.04
CA VAL A 408 -6.76 -9.05 2.00
C VAL A 408 -7.12 -9.26 3.43
N TRP A 409 -8.27 -8.72 3.81
CA TRP A 409 -8.75 -8.79 5.20
C TRP A 409 -9.20 -10.16 5.64
N LEU A 410 -8.60 -10.60 6.76
CA LEU A 410 -8.97 -11.84 7.44
C LEU A 410 -8.23 -11.86 8.74
N GLY A 411 -8.05 -13.03 9.31
CA GLY A 411 -7.48 -13.15 10.62
C GLY A 411 -6.01 -13.04 10.72
N ASP A 412 -5.29 -13.01 9.59
CA ASP A 412 -3.81 -12.93 9.58
C ASP A 412 -3.37 -11.55 9.17
N PRO A 413 -2.64 -10.87 10.06
CA PRO A 413 -2.25 -9.51 9.73
C PRO A 413 -1.28 -9.56 8.60
N PRO A 414 -1.11 -8.44 7.88
CA PRO A 414 -0.28 -8.40 6.67
C PRO A 414 1.24 -8.51 6.88
N HIS A 415 1.73 -8.85 8.06
CA HIS A 415 3.19 -9.23 8.16
C HIS A 415 3.43 -10.74 7.97
N GLU A 416 2.33 -11.46 7.76
CA GLU A 416 2.28 -12.93 7.77
C GLU A 416 1.54 -13.47 6.52
N PRO A 417 1.87 -14.72 6.10
CA PRO A 417 1.10 -15.25 4.95
C PRO A 417 -0.42 -15.19 5.22
N HIS A 418 -1.21 -14.69 4.28
CA HIS A 418 -2.69 -14.72 4.39
C HIS A 418 -3.10 -16.15 4.50
N GLY A 419 -4.04 -16.42 5.40
CA GLY A 419 -4.57 -17.76 5.53
C GLY A 419 -3.85 -18.69 6.48
N TRP A 420 -2.74 -18.25 7.11
CA TRP A 420 -2.00 -19.10 8.07
C TRP A 420 -2.87 -19.61 9.20
N TYR A 421 -3.58 -18.75 9.92
CA TYR A 421 -4.24 -19.17 11.14
C TYR A 421 -5.75 -18.88 11.09
N SER A 422 -6.23 -18.14 10.10
CA SER A 422 -7.62 -17.73 10.13
C SER A 422 -8.55 -18.91 10.30
N VAL A 423 -9.61 -18.69 11.06
CA VAL A 423 -10.69 -19.62 11.14
C VAL A 423 -11.78 -19.06 10.25
N TYR A 424 -12.12 -19.78 9.20
CA TYR A 424 -13.12 -19.24 8.27
C TYR A 424 -14.56 -19.59 8.68
N SER A 425 -15.51 -18.83 8.17
CA SER A 425 -16.94 -19.03 8.54
C SER A 425 -17.48 -20.47 8.44
N ASN A 426 -16.96 -21.26 7.50
CA ASN A 426 -17.46 -22.63 7.30
CA ASN A 426 -17.47 -22.64 7.32
C ASN A 426 -16.37 -23.69 7.60
N ASP A 427 -15.34 -23.33 8.38
CA ASP A 427 -14.30 -24.30 8.70
C ASP A 427 -14.89 -25.34 9.64
N THR A 428 -14.26 -26.50 9.73
CA THR A 428 -14.67 -27.55 10.67
C THR A 428 -14.45 -27.08 12.11
N THR A 429 -13.52 -26.16 12.30
CA THR A 429 -13.17 -25.69 13.64
C THR A 429 -14.31 -24.87 14.22
N VAL A 430 -15.16 -24.28 13.39
CA VAL A 430 -16.33 -23.57 13.92
C VAL A 430 -17.19 -24.39 14.92
N GLN A 431 -17.62 -25.61 14.56
CA GLN A 431 -18.29 -26.51 15.50
C GLN A 431 -17.53 -26.75 16.81
N ILE A 432 -16.23 -27.03 16.75
CA ILE A 432 -15.42 -27.13 17.96
C ILE A 432 -15.46 -25.88 18.88
N ILE A 433 -15.29 -24.70 18.28
CA ILE A 433 -15.41 -23.45 19.03
C ILE A 433 -16.81 -23.24 19.63
N LYS A 434 -17.81 -23.58 18.82
CA LYS A 434 -19.21 -23.50 19.27
C LYS A 434 -19.46 -24.38 20.51
N ASP A 435 -18.97 -25.65 20.48
CA ASP A 435 -19.15 -26.55 21.59
C ASP A 435 -18.46 -26.06 22.81
N TYR A 436 -17.19 -25.67 22.65
CA TYR A 436 -16.46 -24.99 23.74
C TYR A 436 -17.22 -23.79 24.33
N ASN A 437 -17.77 -22.91 23.47
CA ASN A 437 -18.46 -21.78 24.05
C ASN A 437 -19.69 -22.22 24.82
N ALA A 438 -20.39 -23.25 24.33
CA ALA A 438 -21.49 -23.85 25.11
C ALA A 438 -21.01 -24.47 26.46
N ASN A 439 -19.90 -25.20 26.44
CA ASN A 439 -19.41 -25.76 27.70
C ASN A 439 -18.97 -24.69 28.70
N LEU A 440 -18.37 -23.64 28.18
CA LEU A 440 -17.89 -22.63 29.08
C LEU A 440 -19.09 -21.83 29.70
N LEU A 441 -20.13 -21.57 28.92
CA LEU A 441 -21.33 -20.92 29.47
C LEU A 441 -22.01 -21.83 30.50
N LYS A 442 -22.10 -23.13 30.18
CA LYS A 442 -22.58 -24.10 31.19
C LYS A 442 -21.82 -23.95 32.53
N VAL A 443 -20.48 -23.90 32.51
CA VAL A 443 -19.66 -23.72 33.74
C VAL A 443 -19.98 -22.37 34.43
N GLN A 444 -19.98 -21.27 33.69
CA GLN A 444 -20.34 -19.99 34.27
C GLN A 444 -21.68 -20.07 34.99
N LYS A 445 -22.64 -20.83 34.44
CA LYS A 445 -23.95 -21.00 35.14
C LYS A 445 -23.86 -21.78 36.45
N GLU A 446 -23.15 -22.91 36.42
CA GLU A 446 -22.81 -23.67 37.66
C GLU A 446 -22.14 -22.80 38.71
N LEU A 447 -21.24 -21.92 38.31
CA LEU A 447 -20.61 -21.06 39.27
C LEU A 447 -21.51 -19.91 39.77
N SER A 448 -22.54 -19.59 39.01
CA SER A 448 -23.39 -18.46 39.38
C SER A 448 -24.34 -18.83 40.53
N LYS A 449 -24.62 -20.14 40.69
CA LYS A 449 -25.40 -20.73 41.82
C LYS A 449 -24.79 -20.43 43.21
N GLY B 33 -17.27 12.85 -39.26
CA GLY B 33 -16.78 13.50 -40.51
C GLY B 33 -15.41 14.14 -40.34
N SER B 34 -15.41 15.42 -39.96
CA SER B 34 -14.22 16.24 -39.93
C SER B 34 -13.13 15.69 -38.99
N GLU B 35 -11.93 15.58 -39.54
CA GLU B 35 -10.76 15.19 -38.74
C GLU B 35 -9.78 16.33 -38.66
N PHE B 36 -10.27 17.53 -38.89
CA PHE B 36 -9.42 18.75 -38.97
C PHE B 36 -8.71 19.02 -37.64
N ALA B 37 -9.32 18.62 -36.53
CA ALA B 37 -8.73 18.85 -35.20
C ALA B 37 -7.69 17.75 -34.77
N PHE B 38 -7.61 16.65 -35.51
CA PHE B 38 -6.75 15.57 -35.09
C PHE B 38 -5.34 15.88 -35.49
N VAL B 39 -4.37 15.67 -34.59
CA VAL B 39 -2.96 15.79 -34.96
C VAL B 39 -2.63 14.77 -36.04
N LYS B 40 -1.94 15.25 -37.09
CA LYS B 40 -1.51 14.45 -38.26
C LYS B 40 -0.01 14.58 -38.49
N ILE B 41 0.54 13.69 -39.29
CA ILE B 41 1.91 13.88 -39.82
C ILE B 41 1.86 14.74 -41.12
N ALA B 42 2.70 15.77 -41.24
CA ALA B 42 2.77 16.57 -42.47
C ALA B 42 3.01 15.64 -43.64
N SER B 43 2.43 15.94 -44.81
CA SER B 43 2.61 15.01 -45.93
C SER B 43 4.11 14.80 -46.28
N ASP B 44 4.94 15.81 -46.08
CA ASP B 44 6.35 15.55 -46.34
C ASP B 44 7.09 14.75 -45.20
N GLY B 45 6.35 14.33 -44.18
CA GLY B 45 6.92 13.62 -43.05
C GLY B 45 7.83 14.35 -42.05
N LYS B 46 7.97 15.68 -42.08
CA LYS B 46 9.01 16.35 -41.29
C LYS B 46 8.46 17.10 -40.01
N GLY B 47 7.16 16.99 -39.77
CA GLY B 47 6.55 17.54 -38.55
C GLY B 47 5.11 17.07 -38.40
N PHE B 48 4.43 17.61 -37.42
CA PHE B 48 2.99 17.34 -37.25
C PHE B 48 2.15 18.47 -37.83
N THR B 49 0.90 18.21 -38.06
CA THR B 49 -0.01 19.35 -38.33
C THR B 49 -1.22 19.20 -37.46
N ARG B 50 -1.93 20.29 -37.23
CA ARG B 50 -3.25 20.26 -36.60
C ARG B 50 -3.99 21.49 -37.08
N TYR B 51 -5.28 21.37 -37.37
CA TYR B 51 -6.06 22.48 -37.90
C TYR B 51 -5.37 23.07 -39.13
N GLY B 52 -4.81 22.22 -39.98
CA GLY B 52 -4.12 22.66 -41.22
C GLY B 52 -2.86 23.54 -41.06
N GLU B 53 -2.21 23.45 -39.92
CA GLU B 53 -1.05 24.26 -39.67
C GLU B 53 -0.04 23.49 -38.88
N PRO B 54 1.24 23.83 -39.03
CA PRO B 54 2.29 23.12 -38.27
C PRO B 54 1.94 23.01 -36.79
N TYR B 55 2.40 21.93 -36.16
CA TYR B 55 2.07 21.73 -34.76
C TYR B 55 3.33 21.28 -34.09
N LEU B 56 3.91 22.16 -33.26
CA LEU B 56 5.08 21.79 -32.45
C LEU B 56 4.69 21.43 -31.01
N ILE B 57 5.39 20.41 -30.51
CA ILE B 57 5.17 19.91 -29.17
C ILE B 57 5.86 20.70 -28.01
N ARG B 58 5.04 21.49 -27.32
CA ARG B 58 5.48 22.25 -26.17
C ARG B 58 4.97 21.47 -24.98
N GLY B 59 5.78 20.50 -24.57
CA GLY B 59 5.20 19.44 -23.77
C GLY B 59 5.73 19.30 -22.36
N ALA B 60 5.00 18.47 -21.58
CA ALA B 60 5.41 18.02 -20.27
C ALA B 60 4.94 16.57 -20.08
N ASN B 61 5.63 15.84 -19.19
CA ASN B 61 5.10 14.60 -18.70
C ASN B 61 4.29 14.87 -17.46
N TYR B 62 3.14 14.19 -17.40
CA TYR B 62 2.20 14.27 -16.33
C TYR B 62 1.44 12.90 -16.10
N TRP B 63 2.21 11.83 -15.79
CA TRP B 63 1.72 10.43 -15.73
C TRP B 63 0.89 10.30 -14.50
N GLN B 64 1.03 11.24 -13.57
CA GLN B 64 0.25 11.18 -12.34
C GLN B 64 -1.17 11.71 -12.55
N GLY B 65 -1.48 12.22 -13.72
CA GLY B 65 -2.73 12.93 -13.93
C GLY B 65 -3.99 12.10 -13.75
N MET B 66 -4.03 10.87 -14.30
CA MET B 66 -5.13 9.97 -14.08
C MET B 66 -5.45 9.75 -12.60
N ASN B 67 -4.44 9.41 -11.80
CA ASN B 67 -4.66 9.27 -10.34
C ASN B 67 -5.06 10.51 -9.63
N LEU B 68 -4.56 11.67 -10.03
CA LEU B 68 -4.93 12.90 -9.34
C LEU B 68 -6.38 13.34 -9.70
N GLY B 69 -6.87 12.91 -10.85
CA GLY B 69 -8.17 13.24 -11.27
C GLY B 69 -9.27 12.38 -10.72
N ALA B 70 -8.87 11.30 -10.09
CA ALA B 70 -9.83 10.34 -9.51
C ALA B 70 -10.64 11.00 -8.37
N ASP B 71 -11.84 10.51 -8.04
CA ASP B 71 -12.53 11.15 -6.86
C ASP B 71 -11.82 10.91 -5.52
N ASP B 72 -12.16 11.71 -4.52
CA ASP B 72 -11.49 11.65 -3.22
C ASP B 72 -11.39 10.18 -2.68
N CYS B 73 -12.44 9.39 -2.93
CA CYS B 73 -12.49 7.98 -2.47
CA CYS B 73 -12.54 7.95 -2.58
C CYS B 73 -11.45 7.04 -3.13
N SER B 74 -10.99 7.33 -4.35
CA SER B 74 -9.91 6.52 -4.91
C SER B 74 -8.59 7.23 -4.81
N GLY B 75 -8.39 8.04 -3.76
CA GLY B 75 -7.12 8.73 -3.55
C GLY B 75 -6.77 9.88 -4.47
N GLY B 76 -7.76 10.46 -5.16
CA GLY B 76 -7.47 11.56 -6.08
C GLY B 76 -7.40 12.91 -5.37
N ASP B 77 -7.07 13.98 -6.10
CA ASP B 77 -7.21 15.39 -5.65
C ASP B 77 -7.54 16.22 -6.89
N ARG B 78 -8.81 16.21 -7.23
CA ARG B 78 -9.21 16.68 -8.52
C ARG B 78 -9.01 18.18 -8.65
N LYS B 79 -9.27 18.94 -7.62
CA LYS B 79 -9.02 20.41 -7.65
C LYS B 79 -7.53 20.75 -7.83
N ARG B 80 -6.63 19.94 -7.28
CA ARG B 80 -5.19 20.12 -7.54
C ARG B 80 -4.83 19.76 -9.02
N MET B 81 -5.40 18.67 -9.57
CA MET B 81 -5.19 18.34 -10.97
CA MET B 81 -5.20 18.33 -10.98
C MET B 81 -5.64 19.51 -11.86
N GLU B 82 -6.85 20.02 -11.63
CA GLU B 82 -7.32 21.16 -12.38
C GLU B 82 -6.37 22.36 -12.22
N LEU B 83 -5.95 22.68 -11.01
CA LEU B 83 -4.98 23.75 -10.84
C LEU B 83 -3.68 23.44 -11.54
N GLU B 84 -3.14 22.21 -11.43
CA GLU B 84 -1.84 21.90 -12.08
C GLU B 84 -1.90 22.06 -13.60
N ILE B 85 -3.04 21.63 -14.18
CA ILE B 85 -3.22 21.77 -15.62
C ILE B 85 -3.26 23.25 -16.04
N LYS B 86 -4.11 24.06 -15.37
CA LYS B 86 -4.02 25.52 -15.51
C LYS B 86 -2.58 26.10 -15.34
N GLN B 87 -1.82 25.72 -14.33
CA GLN B 87 -0.42 26.22 -14.24
C GLN B 87 0.39 25.86 -15.51
N MET B 88 0.20 24.64 -15.99
CA MET B 88 0.85 24.23 -17.23
C MET B 88 0.42 25.03 -18.46
N ALA B 89 -0.88 25.18 -18.70
CA ALA B 89 -1.40 26.12 -19.76
C ALA B 89 -0.75 27.52 -19.67
N GLU B 90 -0.67 28.08 -18.47
CA GLU B 90 0.01 29.36 -18.23
C GLU B 90 1.48 29.32 -18.57
N MET B 91 2.13 28.16 -18.51
CA MET B 91 3.55 28.15 -18.83
C MET B 91 3.76 27.82 -20.30
N GLY B 92 2.66 27.81 -21.05
CA GLY B 92 2.74 27.61 -22.49
C GLY B 92 2.69 26.16 -23.01
N ILE B 93 2.38 25.21 -22.12
CA ILE B 93 2.35 23.80 -22.46
CA ILE B 93 2.31 23.78 -22.44
C ILE B 93 1.09 23.52 -23.30
N ASN B 94 1.25 22.75 -24.39
CA ASN B 94 0.11 22.37 -25.22
C ASN B 94 -0.05 20.81 -25.33
N ASN B 95 0.77 20.08 -24.60
CA ASN B 95 0.87 18.63 -24.81
C ASN B 95 1.35 17.92 -23.56
N LEU B 96 0.53 17.01 -23.05
CA LEU B 96 0.90 16.21 -21.91
C LEU B 96 1.05 14.74 -22.29
N ARG B 97 2.19 14.15 -21.94
CA ARG B 97 2.35 12.70 -22.03
C ARG B 97 1.85 12.12 -20.74
N VAL B 98 0.80 11.29 -20.80
CA VAL B 98 0.16 10.77 -19.61
C VAL B 98 0.16 9.26 -19.64
N MET B 99 -0.20 8.64 -18.53
CA MET B 99 -0.20 7.19 -18.45
CA MET B 99 -0.21 7.18 -18.44
C MET B 99 -1.64 6.75 -18.38
N ALA B 100 -2.03 5.92 -19.34
CA ALA B 100 -3.39 5.47 -19.47
C ALA B 100 -3.47 3.99 -19.13
N SER B 101 -2.63 3.55 -18.20
CA SER B 101 -2.67 2.16 -17.75
C SER B 101 -2.04 2.09 -16.39
N SER B 102 -2.53 1.20 -15.56
CA SER B 102 -1.73 0.76 -14.40
C SER B 102 -2.41 -0.49 -13.84
N GLU B 103 -1.56 -1.41 -13.40
CA GLU B 103 -1.91 -2.74 -13.00
C GLU B 103 -1.74 -3.04 -11.53
N GLY B 104 -2.72 -3.72 -10.97
CA GLY B 104 -2.58 -4.28 -9.64
C GLY B 104 -1.74 -5.56 -9.70
N PRO B 105 -1.79 -6.39 -8.63
CA PRO B 105 -2.70 -6.17 -7.50
C PRO B 105 -2.21 -4.99 -6.60
N ASP B 106 -3.07 -4.44 -5.74
CA ASP B 106 -2.71 -3.23 -5.01
C ASP B 106 -1.85 -3.44 -3.75
N ASP B 107 -1.34 -4.63 -3.51
CA ASP B 107 -0.42 -4.83 -2.36
C ASP B 107 1.08 -4.80 -2.77
N GLN B 108 1.38 -4.39 -3.99
CA GLN B 108 2.72 -4.39 -4.49
C GLN B 108 3.45 -3.08 -4.20
N PRO B 109 4.73 -3.18 -3.83
CA PRO B 109 5.53 -1.98 -3.59
C PRO B 109 5.90 -1.35 -4.91
N TYR B 110 6.37 -0.12 -4.89
CA TYR B 110 6.98 0.58 -6.00
C TYR B 110 6.02 0.98 -7.07
N ARG B 111 4.71 1.02 -6.80
CA ARG B 111 3.81 1.33 -7.92
C ARG B 111 2.63 2.19 -7.56
N MET B 112 2.01 2.78 -8.59
CA MET B 112 0.81 3.59 -8.41
C MET B 112 -0.29 2.79 -7.68
N ARG B 113 -0.93 3.41 -6.68
CA ARG B 113 -2.07 2.83 -5.97
C ARG B 113 -3.09 3.92 -5.73
N PRO B 114 -4.40 3.62 -5.90
CA PRO B 114 -4.93 2.38 -6.38
C PRO B 114 -4.66 2.21 -7.90
N SER B 115 -4.47 0.98 -8.34
CA SER B 115 -4.26 0.73 -9.75
C SER B 115 -5.58 0.86 -10.51
N MET B 116 -5.51 1.17 -11.81
CA MET B 116 -6.60 1.27 -12.75
C MET B 116 -7.17 -0.11 -13.06
N MET B 117 -6.26 -1.07 -13.14
CA MET B 117 -6.65 -2.42 -13.52
C MET B 117 -6.06 -3.42 -12.52
N PRO B 118 -6.74 -3.59 -11.39
CA PRO B 118 -6.24 -4.40 -10.31
C PRO B 118 -5.96 -5.86 -10.71
N GLN B 119 -6.76 -6.41 -11.64
CA GLN B 119 -6.65 -7.79 -12.13
C GLN B 119 -6.97 -7.69 -13.62
N PRO B 120 -6.51 -8.66 -14.44
CA PRO B 120 -6.72 -8.53 -15.90
C PRO B 120 -8.19 -8.40 -16.21
N GLY B 121 -8.57 -7.36 -16.96
CA GLY B 121 -10.00 -7.15 -17.28
C GLY B 121 -10.92 -6.58 -16.23
N LYS B 122 -10.46 -6.34 -14.99
CA LYS B 122 -11.27 -5.72 -13.92
C LYS B 122 -10.71 -4.34 -13.66
N TYR B 123 -11.59 -3.35 -13.69
CA TYR B 123 -11.16 -2.00 -13.63
C TYR B 123 -11.57 -1.35 -12.37
N ASN B 124 -10.73 -0.43 -11.90
CA ASN B 124 -11.13 0.43 -10.80
C ASN B 124 -11.79 1.67 -11.42
N GLU B 125 -13.12 1.71 -11.39
CA GLU B 125 -13.83 2.74 -12.11
C GLU B 125 -13.53 4.14 -11.54
N GLY B 126 -13.29 4.23 -10.25
CA GLY B 126 -12.89 5.47 -9.61
C GLY B 126 -11.58 6.03 -10.20
N VAL B 127 -10.63 5.14 -10.52
CA VAL B 127 -9.37 5.57 -11.12
C VAL B 127 -9.64 5.92 -12.60
N PHE B 128 -10.39 5.08 -13.33
CA PHE B 128 -10.73 5.38 -14.77
C PHE B 128 -11.41 6.78 -14.96
N VAL B 129 -12.29 7.15 -14.05
CA VAL B 129 -12.98 8.42 -14.16
C VAL B 129 -11.97 9.54 -14.01
N GLY B 130 -10.88 9.28 -13.28
CA GLY B 130 -9.75 10.23 -13.19
C GLY B 130 -9.23 10.53 -14.58
N LEU B 131 -9.08 9.50 -15.42
CA LEU B 131 -8.56 9.70 -16.79
C LEU B 131 -9.58 10.52 -17.61
N ASP B 132 -10.85 10.21 -17.44
CA ASP B 132 -11.88 11.03 -18.09
C ASP B 132 -11.73 12.49 -17.74
N TYR B 133 -11.48 12.80 -16.45
CA TYR B 133 -11.44 14.24 -16.03
C TYR B 133 -10.18 14.90 -16.49
N LEU B 134 -9.09 14.15 -16.50
CA LEU B 134 -7.83 14.64 -17.05
C LEU B 134 -8.02 15.05 -18.53
N LEU B 135 -8.54 14.15 -19.35
CA LEU B 135 -8.72 14.49 -20.75
C LEU B 135 -9.74 15.65 -20.93
N ASP B 136 -10.70 15.79 -20.02
CA ASP B 136 -11.73 16.81 -20.17
C ASP B 136 -11.12 18.12 -19.79
N THR B 137 -10.25 18.12 -18.79
CA THR B 137 -9.58 19.37 -18.43
C THR B 137 -8.60 19.79 -19.53
N MET B 138 -7.86 18.83 -20.08
CA MET B 138 -6.89 19.14 -21.09
C MET B 138 -7.59 19.78 -22.28
N ASP B 139 -8.76 19.28 -22.64
CA ASP B 139 -9.56 19.86 -23.66
C ASP B 139 -9.87 21.34 -23.41
N ARG B 140 -10.36 21.68 -22.21
CA ARG B 140 -10.67 23.07 -21.87
C ARG B 140 -9.46 24.00 -22.01
N TYR B 141 -8.24 23.44 -21.89
CA TYR B 141 -7.05 24.27 -22.10
C TYR B 141 -6.36 24.09 -23.46
N ASN B 142 -7.07 23.43 -24.39
CA ASN B 142 -6.55 23.15 -25.73
C ASN B 142 -5.21 22.42 -25.73
N MET B 143 -4.99 21.53 -24.78
CA MET B 143 -3.83 20.66 -24.82
C MET B 143 -4.17 19.37 -25.57
N THR B 144 -3.16 18.66 -26.05
CA THR B 144 -3.34 17.29 -26.54
C THR B 144 -2.59 16.31 -25.66
N ALA B 145 -2.98 15.04 -25.77
CA ALA B 145 -2.41 14.00 -24.91
C ALA B 145 -1.78 12.91 -25.71
N VAL B 146 -0.63 12.45 -25.22
CA VAL B 146 -0.03 11.21 -25.66
C VAL B 146 -0.45 10.20 -24.61
N MET B 147 -1.14 9.14 -25.02
CA MET B 147 -1.81 8.23 -24.08
C MET B 147 -0.93 6.98 -24.06
N THR B 148 -0.04 6.86 -23.07
CA THR B 148 0.87 5.73 -22.92
C THR B 148 0.09 4.54 -22.38
N LEU B 149 0.07 3.45 -23.14
CA LEU B 149 -0.86 2.35 -22.91
C LEU B 149 -0.30 1.24 -22.03
N GLY B 150 1.01 1.29 -21.79
CA GLY B 150 1.72 0.35 -20.89
C GLY B 150 3.13 0.84 -20.55
N ASN B 151 3.89 0.05 -19.82
CA ASN B 151 5.11 0.52 -19.22
C ASN B 151 6.01 -0.66 -19.15
N PHE B 152 7.21 -0.58 -19.68
CA PHE B 152 8.13 -1.65 -19.37
C PHE B 152 8.46 -1.64 -17.84
N TRP B 153 8.56 -0.45 -17.23
CA TRP B 153 9.03 -0.42 -15.85
C TRP B 153 7.95 -0.76 -14.83
N GLN B 154 8.33 -0.81 -13.56
CA GLN B 154 7.53 -1.43 -12.52
C GLN B 154 6.57 -0.44 -11.81
N TRP B 155 6.67 0.84 -12.10
CA TRP B 155 5.97 1.77 -11.31
C TRP B 155 4.51 1.94 -11.65
N SER B 156 4.07 1.30 -12.71
CA SER B 156 2.66 1.19 -12.93
C SER B 156 2.29 -0.30 -13.08
N GLY B 157 3.09 -1.18 -12.45
CA GLY B 157 2.98 -2.65 -12.61
C GLY B 157 3.75 -3.05 -13.88
N GLY B 158 3.11 -2.78 -15.02
CA GLY B 158 3.73 -2.89 -16.33
C GLY B 158 3.93 -4.28 -16.85
N PHE B 159 4.84 -4.40 -17.82
CA PHE B 159 5.09 -5.65 -18.54
C PHE B 159 5.42 -6.78 -17.57
N GLY B 160 6.26 -6.48 -16.58
CA GLY B 160 6.57 -7.42 -15.50
C GLY B 160 5.32 -7.90 -14.74
N GLN B 161 4.33 -7.03 -14.59
CA GLN B 161 3.14 -7.53 -13.94
C GLN B 161 2.33 -8.47 -14.87
N TYR B 162 2.26 -8.14 -16.15
CA TYR B 162 1.59 -9.04 -17.09
C TYR B 162 2.29 -10.41 -17.11
N VAL B 163 3.61 -10.45 -17.11
CA VAL B 163 4.32 -11.72 -16.95
C VAL B 163 3.95 -12.48 -15.66
N ALA B 164 3.76 -11.76 -14.54
CA ALA B 164 3.43 -12.40 -13.25
C ALA B 164 2.04 -13.04 -13.33
N TRP B 165 1.12 -12.37 -13.99
CA TRP B 165 -0.24 -12.87 -14.17
C TRP B 165 -0.23 -14.11 -15.04
N ILE B 166 0.51 -14.10 -16.13
CA ILE B 166 0.60 -15.24 -16.98
C ILE B 166 1.28 -16.42 -16.27
N THR B 167 2.45 -16.24 -15.66
CA THR B 167 3.13 -17.39 -15.04
C THR B 167 2.47 -17.71 -13.70
N GLY B 168 1.51 -16.89 -13.26
CA GLY B 168 0.84 -17.14 -11.98
C GLY B 168 1.76 -16.94 -10.80
N ASN B 169 2.97 -16.42 -11.01
CA ASN B 169 3.90 -16.19 -9.89
C ASN B 169 4.03 -14.69 -9.61
N GLN B 170 3.42 -14.26 -8.51
CA GLN B 170 3.41 -12.85 -8.11
C GLN B 170 4.70 -12.27 -7.43
N THR B 171 5.78 -13.02 -7.35
CA THR B 171 7.08 -12.52 -6.84
C THR B 171 7.99 -11.95 -7.97
N ILE B 172 7.70 -10.72 -8.36
CA ILE B 172 8.49 -10.05 -9.34
C ILE B 172 9.88 -9.68 -8.74
N PRO B 173 10.95 -9.96 -9.49
CA PRO B 173 12.24 -9.53 -8.96
C PRO B 173 12.45 -8.00 -9.14
N TYR B 174 11.82 -7.19 -8.29
CA TYR B 174 12.04 -5.74 -8.30
C TYR B 174 13.51 -5.47 -8.15
N PRO B 175 14.00 -4.51 -8.92
CA PRO B 175 15.44 -4.25 -8.82
C PRO B 175 15.86 -3.49 -7.55
N VAL B 176 15.65 -4.06 -6.37
CA VAL B 176 16.11 -3.39 -5.15
C VAL B 176 17.04 -4.30 -4.36
N GLY B 177 17.82 -3.69 -3.45
CA GLY B 177 18.77 -4.46 -2.64
C GLY B 177 19.74 -5.14 -3.58
N ASP B 178 19.73 -6.45 -3.58
CA ASP B 178 20.75 -7.15 -4.36
C ASP B 178 20.41 -7.36 -5.89
N VAL B 179 19.13 -7.25 -6.25
CA VAL B 179 18.65 -7.43 -7.63
C VAL B 179 18.89 -6.19 -8.53
N THR B 180 19.50 -6.39 -9.70
CA THR B 180 19.89 -5.26 -10.53
C THR B 180 18.80 -4.97 -11.54
N TYR B 181 18.84 -3.78 -12.16
CA TYR B 181 18.01 -3.50 -13.33
C TYR B 181 18.06 -4.52 -14.53
N ASP B 182 19.23 -5.09 -14.82
CA ASP B 182 19.39 -6.14 -15.86
C ASP B 182 18.54 -7.38 -15.56
N GLU B 183 18.61 -7.84 -14.31
CA GLU B 183 17.82 -8.96 -13.93
C GLU B 183 16.31 -8.67 -14.03
N PHE B 184 15.87 -7.50 -13.57
CA PHE B 184 14.48 -7.13 -13.70
C PHE B 184 14.11 -7.07 -15.19
N THR B 185 14.98 -6.46 -15.98
CA THR B 185 14.72 -6.32 -17.40
C THR B 185 14.52 -7.69 -18.09
N GLN B 186 15.38 -8.66 -17.77
CA GLN B 186 15.24 -9.98 -18.32
C GLN B 186 13.90 -10.61 -17.97
N PHE B 187 13.39 -10.36 -16.76
CA PHE B 187 12.10 -10.88 -16.36
C PHE B 187 10.95 -10.19 -17.10
N ALA B 188 10.95 -8.87 -17.20
CA ALA B 188 9.83 -8.19 -17.85
C ALA B 188 9.83 -8.40 -19.35
N ALA B 189 11.02 -8.52 -19.90
CA ALA B 189 11.15 -8.71 -21.35
C ALA B 189 10.53 -10.05 -21.83
N ARG B 190 10.29 -10.97 -20.91
CA ARG B 190 9.57 -12.22 -21.31
C ARG B 190 8.21 -11.91 -21.94
N PHE B 191 7.67 -10.72 -21.63
CA PHE B 191 6.40 -10.26 -22.13
C PHE B 191 6.31 -10.40 -23.67
N TYR B 192 7.40 -10.12 -24.37
CA TYR B 192 7.46 -10.25 -25.84
C TYR B 192 8.58 -11.23 -26.35
N ASN B 193 9.43 -11.77 -25.47
CA ASN B 193 10.58 -12.62 -25.87
C ASN B 193 10.39 -14.10 -25.57
N ASP B 194 9.54 -14.44 -24.61
CA ASP B 194 9.28 -15.85 -24.29
C ASP B 194 8.13 -16.34 -25.19
N SER B 195 8.39 -17.37 -25.99
CA SER B 195 7.46 -17.75 -27.04
C SER B 195 6.16 -18.36 -26.48
N GLU B 196 6.20 -18.82 -25.23
CA GLU B 196 4.96 -19.25 -24.59
C GLU B 196 4.23 -18.15 -23.79
N ILE B 197 4.98 -17.28 -23.12
CA ILE B 197 4.38 -16.22 -22.36
C ILE B 197 3.88 -15.07 -23.27
N ALA B 198 4.65 -14.70 -24.28
CA ALA B 198 4.27 -13.56 -25.08
C ALA B 198 2.81 -13.52 -25.62
N PRO B 199 2.25 -14.67 -26.12
CA PRO B 199 0.93 -14.54 -26.80
C PRO B 199 -0.11 -14.33 -25.74
N LYS B 200 0.01 -15.02 -24.63
CA LYS B 200 -0.94 -14.79 -23.59
C LYS B 200 -0.80 -13.35 -23.03
N ALA B 201 0.44 -12.92 -22.80
CA ALA B 201 0.62 -11.60 -22.21
C ALA B 201 0.02 -10.49 -23.14
N ASN B 202 0.20 -10.70 -24.43
CA ASN B 202 -0.19 -9.76 -25.39
C ASN B 202 -1.70 -9.72 -25.60
N LYS B 203 -2.37 -10.85 -25.36
CA LYS B 203 -3.80 -10.90 -25.36
C LYS B 203 -4.35 -9.97 -24.23
N LEU B 204 -3.81 -10.08 -23.03
CA LEU B 204 -4.29 -9.22 -21.95
C LEU B 204 -4.04 -7.71 -22.27
N PHE B 205 -2.86 -7.43 -22.78
CA PHE B 205 -2.47 -6.09 -23.10
C PHE B 205 -3.43 -5.54 -24.16
N LYS B 206 -3.74 -6.34 -25.18
CA LYS B 206 -4.66 -5.90 -26.25
C LYS B 206 -6.05 -5.65 -25.68
N ASP B 207 -6.49 -6.47 -24.73
CA ASP B 207 -7.80 -6.27 -24.10
C ASP B 207 -7.80 -4.93 -23.42
N HIS B 208 -6.66 -4.60 -22.82
CA HIS B 208 -6.57 -3.32 -22.13
C HIS B 208 -6.60 -2.19 -23.14
N ILE B 209 -5.87 -2.35 -24.25
CA ILE B 209 -5.83 -1.29 -25.27
C ILE B 209 -7.21 -1.03 -25.86
N TYR B 210 -7.92 -2.12 -26.14
CA TYR B 210 -9.31 -2.07 -26.59
C TYR B 210 -10.20 -1.31 -25.62
N THR B 211 -10.05 -1.60 -24.32
CA THR B 211 -10.91 -0.96 -23.34
C THR B 211 -10.66 0.49 -23.29
N VAL B 212 -9.39 0.88 -23.34
CA VAL B 212 -9.14 2.31 -23.24
C VAL B 212 -9.57 3.07 -24.50
N GLN B 213 -9.34 2.50 -25.68
CA GLN B 213 -9.72 3.10 -26.96
C GLN B 213 -11.24 3.30 -27.13
N ASN B 214 -11.96 2.42 -26.48
CA ASN B 214 -13.42 2.41 -26.53
C ASN B 214 -14.10 3.07 -25.31
N ARG B 215 -13.33 3.72 -24.44
CA ARG B 215 -13.94 4.31 -23.29
C ARG B 215 -14.78 5.49 -23.72
N ARG B 216 -16.01 5.49 -23.29
CA ARG B 216 -16.83 6.68 -23.28
C ARG B 216 -16.43 7.54 -22.11
N ASN B 217 -16.06 8.78 -22.41
CA ASN B 217 -15.69 9.74 -21.40
C ASN B 217 -16.97 10.14 -20.67
N THR B 218 -16.99 9.92 -19.35
CA THR B 218 -18.22 10.10 -18.57
C THR B 218 -18.43 11.57 -18.24
N VAL B 219 -17.42 12.39 -18.44
CA VAL B 219 -17.55 13.80 -18.19
C VAL B 219 -18.03 14.59 -19.40
N ASN B 220 -17.50 14.35 -20.59
CA ASN B 220 -17.98 15.10 -21.79
C ASN B 220 -18.65 14.26 -22.89
N GLY B 221 -18.92 12.99 -22.63
CA GLY B 221 -19.51 12.14 -23.67
C GLY B 221 -18.62 11.57 -24.76
N LYS B 222 -17.40 12.09 -25.00
CA LYS B 222 -16.67 11.66 -26.22
C LYS B 222 -16.16 10.22 -26.08
N ILE B 223 -16.16 9.44 -27.17
CA ILE B 223 -15.49 8.15 -27.14
C ILE B 223 -13.98 8.49 -27.34
N TYR B 224 -13.09 7.87 -26.58
CA TYR B 224 -11.64 8.18 -26.68
C TYR B 224 -11.04 8.15 -28.11
N LYS B 225 -11.35 7.11 -28.89
CA LYS B 225 -10.83 6.96 -30.27
C LYS B 225 -11.42 8.00 -31.25
N GLU B 226 -12.44 8.76 -30.82
CA GLU B 226 -13.00 9.83 -31.63
C GLU B 226 -12.66 11.19 -31.05
N ASP B 227 -11.79 11.22 -30.04
CA ASP B 227 -11.49 12.43 -29.31
C ASP B 227 -10.21 13.09 -29.84
N PRO B 228 -10.37 14.26 -30.47
CA PRO B 228 -9.26 14.98 -31.08
C PRO B 228 -8.31 15.47 -30.04
N VAL B 229 -8.70 15.49 -28.77
CA VAL B 229 -7.80 15.87 -27.67
C VAL B 229 -6.63 14.87 -27.52
N ILE B 230 -6.83 13.62 -27.98
CA ILE B 230 -5.75 12.64 -27.93
C ILE B 230 -4.96 12.80 -29.20
N MET B 231 -3.67 13.10 -29.05
CA MET B 231 -2.79 13.25 -30.16
C MET B 231 -2.35 11.87 -30.62
N SER B 232 -2.02 10.99 -29.66
CA SER B 232 -1.49 9.68 -30.06
C SER B 232 -1.67 8.58 -29.04
N TRP B 233 -1.65 7.35 -29.52
CA TRP B 233 -1.57 6.20 -28.68
C TRP B 233 -0.15 5.73 -28.68
N GLN B 234 0.40 5.57 -27.50
CA GLN B 234 1.77 5.15 -27.39
C GLN B 234 1.78 3.72 -26.85
N ILE B 235 2.51 2.84 -27.54
CA ILE B 235 2.49 1.39 -27.25
C ILE B 235 2.88 1.24 -25.80
N ALA B 236 4.04 1.78 -25.39
CA ALA B 236 4.49 1.57 -24.01
C ALA B 236 5.60 2.54 -23.63
N ASN B 237 5.73 2.82 -22.34
CA ASN B 237 6.92 3.51 -21.90
C ASN B 237 8.20 2.62 -21.95
N ALA B 238 9.11 2.92 -22.87
CA ALA B 238 10.45 2.38 -22.86
C ALA B 238 10.60 0.83 -22.98
N PRO B 239 9.93 0.22 -23.97
CA PRO B 239 10.20 -1.23 -24.14
C PRO B 239 11.72 -1.53 -24.40
N GLN B 240 12.23 -2.60 -23.77
CA GLN B 240 13.70 -2.86 -23.78
C GLN B 240 14.06 -3.98 -24.78
N GLU B 241 14.63 -3.58 -25.90
CA GLU B 241 14.95 -4.49 -27.03
C GLU B 241 13.84 -5.48 -27.37
N ALA B 242 12.66 -4.92 -27.57
CA ALA B 242 11.57 -5.66 -28.12
C ALA B 242 11.89 -5.99 -29.57
N PRO B 243 11.42 -7.13 -30.04
CA PRO B 243 11.77 -7.39 -31.43
C PRO B 243 10.84 -6.57 -32.40
N ALA B 244 11.35 -6.30 -33.60
CA ALA B 244 10.58 -5.71 -34.71
C ALA B 244 9.16 -6.22 -34.89
N SER B 245 8.97 -7.53 -34.83
CA SER B 245 7.65 -8.13 -35.21
C SER B 245 6.60 -7.76 -34.17
N TRP B 246 7.06 -7.57 -32.94
CA TRP B 246 6.21 -7.06 -31.88
C TRP B 246 5.78 -5.59 -32.13
N PHE B 247 6.70 -4.71 -32.50
CA PHE B 247 6.29 -3.36 -32.77
C PHE B 247 5.31 -3.28 -33.93
N GLU B 248 5.64 -4.02 -35.00
CA GLU B 248 4.76 -4.19 -36.16
CA GLU B 248 4.76 -4.21 -36.16
C GLU B 248 3.35 -4.68 -35.77
N GLU B 249 3.28 -5.74 -35.01
CA GLU B 249 2.01 -6.27 -34.66
C GLU B 249 1.22 -5.30 -33.81
N ILE B 250 1.86 -4.72 -32.82
CA ILE B 250 1.11 -4.02 -31.80
C ILE B 250 0.65 -2.71 -32.38
N SER B 251 1.50 -2.10 -33.21
CA SER B 251 1.18 -0.81 -33.73
C SER B 251 -0.01 -0.92 -34.72
N THR B 252 0.03 -1.99 -35.54
CA THR B 252 -1.07 -2.31 -36.43
C THR B 252 -2.34 -2.46 -35.65
N PHE B 253 -2.27 -3.22 -34.55
CA PHE B 253 -3.45 -3.37 -33.71
C PHE B 253 -4.02 -2.01 -33.18
N ILE B 254 -3.13 -1.13 -32.75
CA ILE B 254 -3.57 0.10 -32.10
C ILE B 254 -4.21 0.98 -33.19
N LYS B 255 -3.59 1.01 -34.36
CA LYS B 255 -4.06 1.78 -35.50
C LYS B 255 -5.41 1.33 -36.06
N LYS B 256 -5.60 0.03 -36.24
CA LYS B 256 -6.92 -0.49 -36.58
C LYS B 256 -7.95 -0.14 -35.52
N GLY B 257 -7.53 -0.13 -34.26
CA GLY B 257 -8.43 0.16 -33.13
C GLY B 257 -8.87 1.62 -33.10
N ALA B 258 -7.96 2.55 -33.50
CA ALA B 258 -8.28 3.98 -33.56
C ALA B 258 -7.69 4.59 -34.79
N PRO B 259 -8.41 4.45 -35.91
CA PRO B 259 -7.79 4.84 -37.20
C PRO B 259 -7.53 6.37 -37.38
N LYS B 260 -8.12 7.24 -36.55
CA LYS B 260 -7.89 8.70 -36.72
C LYS B 260 -6.64 9.22 -36.00
N HIS B 261 -5.99 8.36 -35.22
CA HIS B 261 -5.00 8.85 -34.30
C HIS B 261 -3.63 8.41 -34.67
N LEU B 262 -2.64 9.22 -34.33
CA LEU B 262 -1.25 8.77 -34.46
C LEU B 262 -0.93 7.60 -33.54
N VAL B 263 0.07 6.82 -33.91
CA VAL B 263 0.59 5.80 -33.03
C VAL B 263 2.10 6.01 -32.85
N SER B 264 2.58 5.67 -31.65
CA SER B 264 3.92 5.95 -31.23
C SER B 264 4.48 4.76 -30.47
N ALA B 265 5.77 4.51 -30.60
CA ALA B 265 6.43 3.34 -29.97
C ALA B 265 6.82 3.54 -28.48
N GLY B 266 7.17 4.78 -28.05
CA GLY B 266 7.63 5.06 -26.67
C GLY B 266 9.07 4.66 -26.40
N LEU B 267 9.89 4.55 -27.45
CA LEU B 267 11.26 4.11 -27.34
C LEU B 267 12.16 5.15 -26.70
N GLU B 268 13.19 4.74 -25.93
CA GLU B 268 14.16 5.69 -25.37
C GLU B 268 15.12 6.15 -26.45
N SER B 269 15.43 5.24 -27.39
CA SER B 269 16.44 5.50 -28.40
C SER B 269 17.79 5.78 -27.72
N LYS B 270 18.13 4.99 -26.71
CA LYS B 270 19.40 5.18 -26.05
C LYS B 270 20.53 4.38 -26.66
N LEU B 271 20.24 3.55 -27.64
CA LEU B 271 21.28 2.62 -28.14
C LEU B 271 21.79 3.14 -29.48
N ASP B 272 21.53 2.42 -30.57
CA ASP B 272 22.05 2.89 -31.83
C ASP B 272 20.95 2.97 -32.86
N GLU B 273 21.32 3.28 -34.09
CA GLU B 273 20.34 3.42 -35.18
C GLU B 273 19.59 2.07 -35.42
N TYR B 274 20.25 0.95 -35.12
CA TYR B 274 19.70 -0.34 -35.44
C TYR B 274 18.47 -0.56 -34.59
N ASP B 275 18.65 -0.24 -33.30
CA ASP B 275 17.58 -0.26 -32.25
C ASP B 275 16.49 0.72 -32.60
N PHE B 276 16.90 1.91 -33.00
CA PHE B 276 15.99 2.92 -33.41
C PHE B 276 15.10 2.44 -34.60
N ASP B 277 15.72 1.79 -35.58
CA ASP B 277 14.97 1.27 -36.76
C ASP B 277 14.04 0.10 -36.44
N ARG B 278 14.53 -0.77 -35.57
CA ARG B 278 13.75 -1.91 -35.09
C ARG B 278 12.42 -1.42 -34.48
N ALA B 279 12.42 -0.27 -33.76
CA ALA B 279 11.20 0.16 -33.16
C ALA B 279 10.38 0.97 -34.12
N HIS B 280 11.03 1.75 -34.99
CA HIS B 280 10.34 2.81 -35.69
C HIS B 280 10.05 2.57 -37.16
N ASP B 281 10.78 1.67 -37.82
CA ASP B 281 10.58 1.54 -39.27
C ASP B 281 9.39 0.63 -39.56
N HIS B 282 8.16 1.10 -39.28
CA HIS B 282 6.91 0.32 -39.47
C HIS B 282 5.87 1.27 -39.84
N LYS B 283 5.01 0.86 -40.77
CA LYS B 283 3.98 1.69 -41.41
C LYS B 283 3.07 2.36 -40.36
N ASN B 284 2.75 1.64 -39.28
CA ASN B 284 1.84 2.15 -38.25
C ASN B 284 2.54 2.73 -37.01
N ILE B 285 3.84 3.01 -37.07
CA ILE B 285 4.44 3.89 -36.08
C ILE B 285 4.59 5.18 -36.81
N ASP B 286 3.83 6.20 -36.43
CA ASP B 286 3.78 7.42 -37.24
C ASP B 286 4.89 8.41 -36.96
N TYR B 287 5.47 8.41 -35.77
CA TYR B 287 6.55 9.36 -35.50
C TYR B 287 7.49 8.70 -34.52
N THR B 288 8.65 9.30 -34.33
CA THR B 288 9.70 8.69 -33.48
C THR B 288 9.83 9.47 -32.15
N THR B 289 10.45 8.84 -31.15
CA THR B 289 10.66 9.52 -29.87
C THR B 289 12.05 9.17 -29.34
N CYS B 290 12.54 10.03 -28.42
CA CYS B 290 13.75 9.74 -27.64
C CYS B 290 13.64 10.26 -26.19
N HIS B 291 14.41 9.65 -25.29
CA HIS B 291 14.39 9.97 -23.85
C HIS B 291 15.85 10.22 -23.50
N CYS B 292 16.16 11.33 -22.87
CA CYS B 292 17.57 11.51 -22.54
C CYS B 292 17.79 11.56 -21.03
N TRP B 293 18.54 10.60 -20.48
CA TRP B 293 18.78 10.51 -19.04
C TRP B 293 20.21 10.40 -18.63
N VAL B 294 20.84 11.57 -18.46
CA VAL B 294 22.27 11.66 -18.19
C VAL B 294 22.74 11.02 -16.86
N GLU B 295 21.98 11.23 -15.77
CA GLU B 295 22.37 10.61 -14.52
C GLU B 295 22.15 9.08 -14.54
N ASN B 296 20.95 8.64 -14.88
CA ASN B 296 20.62 7.22 -14.97
C ASN B 296 21.67 6.46 -15.79
N TRP B 297 22.20 7.05 -16.87
CA TRP B 297 23.15 6.31 -17.72
C TRP B 297 24.62 6.50 -17.37
N GLY B 298 24.90 7.16 -16.22
CA GLY B 298 26.25 7.36 -15.70
C GLY B 298 27.03 8.43 -16.43
N ILE B 299 26.37 9.30 -17.20
CA ILE B 299 27.04 10.39 -17.91
C ILE B 299 27.23 11.59 -16.98
N TYR B 300 26.37 11.75 -15.98
CA TYR B 300 26.38 12.96 -15.19
C TYR B 300 26.18 12.55 -13.73
N ASP B 301 27.04 13.06 -12.84
CA ASP B 301 26.88 12.91 -11.41
C ASP B 301 26.46 14.27 -10.83
N PRO B 302 25.24 14.36 -10.21
CA PRO B 302 24.69 15.70 -9.73
C PRO B 302 25.41 16.21 -8.45
N ALA B 303 26.16 15.31 -7.81
CA ALA B 303 26.98 15.62 -6.64
C ALA B 303 28.33 16.27 -7.05
N ASP B 304 28.60 16.29 -8.33
CA ASP B 304 29.87 16.82 -8.80
C ASP B 304 29.72 18.30 -9.26
N PRO B 305 30.39 19.22 -8.54
CA PRO B 305 30.20 20.64 -8.91
C PRO B 305 30.67 20.96 -10.36
N ASP B 306 31.47 20.09 -10.96
CA ASP B 306 32.06 20.31 -12.31
C ASP B 306 31.51 19.42 -13.45
N GLY B 307 30.45 18.66 -13.18
CA GLY B 307 29.96 17.67 -14.15
C GLY B 307 29.05 18.26 -15.20
N LEU B 308 28.54 19.49 -15.06
CA LEU B 308 27.59 20.02 -16.03
C LEU B 308 28.07 19.98 -17.51
N PRO B 309 29.21 20.61 -17.81
CA PRO B 309 29.55 20.69 -19.24
C PRO B 309 29.52 19.32 -19.99
N HIS B 310 29.99 18.24 -19.38
CA HIS B 310 29.96 16.93 -20.02
C HIS B 310 28.53 16.44 -20.26
N ALA B 311 27.60 16.74 -19.35
CA ALA B 311 26.19 16.44 -19.61
C ALA B 311 25.59 17.25 -20.77
N ASN B 312 25.87 18.55 -20.82
CA ASN B 312 25.49 19.42 -21.94
C ASN B 312 25.95 18.93 -23.32
N GLU B 313 27.19 18.48 -23.40
CA GLU B 313 27.69 17.94 -24.65
C GLU B 313 26.97 16.65 -25.09
N TYR B 314 26.76 15.76 -24.13
CA TYR B 314 26.07 14.56 -24.40
C TYR B 314 24.67 14.92 -24.97
N MET B 315 23.94 15.83 -24.32
CA MET B 315 22.58 16.21 -24.77
C MET B 315 22.65 16.73 -26.16
N HIS B 316 23.66 17.57 -26.40
CA HIS B 316 23.94 18.15 -27.73
C HIS B 316 24.15 17.11 -28.82
N ASP B 317 25.04 16.13 -28.62
CA ASP B 317 25.18 15.03 -29.61
C ASP B 317 23.97 14.10 -29.70
N PHE B 318 23.32 13.88 -28.57
CA PHE B 318 22.13 13.09 -28.57
C PHE B 318 21.09 13.71 -29.52
N LEU B 319 20.86 15.02 -29.39
CA LEU B 319 19.80 15.66 -30.20
C LEU B 319 20.14 15.62 -31.67
N GLU B 320 21.43 15.86 -31.98
CA GLU B 320 21.89 15.87 -33.38
C GLU B 320 21.79 14.46 -34.01
N SER B 321 22.19 13.42 -33.29
CA SER B 321 22.25 12.13 -33.94
C SER B 321 20.85 11.57 -34.07
N ARG B 322 20.00 11.75 -33.04
CA ARG B 322 18.61 11.21 -33.13
C ARG B 322 17.81 11.94 -34.21
N SER B 323 17.99 13.24 -34.29
CA SER B 323 17.43 14.01 -35.38
C SER B 323 17.84 13.36 -36.72
N LYS B 324 19.12 13.01 -36.92
CA LYS B 324 19.48 12.36 -38.19
C LYS B 324 18.71 11.01 -38.33
N TRP B 325 18.57 10.24 -37.23
CA TRP B 325 18.01 8.93 -37.43
C TRP B 325 16.58 9.12 -37.82
N ALA B 326 15.92 10.12 -37.27
CA ALA B 326 14.51 10.38 -37.63
C ALA B 326 14.42 10.78 -39.12
N ALA B 327 15.28 11.69 -39.52
CA ALA B 327 15.28 12.17 -40.90
C ALA B 327 15.43 11.03 -41.91
N GLN B 328 16.27 10.04 -41.59
CA GLN B 328 16.47 8.86 -42.41
C GLN B 328 15.20 8.03 -42.61
N LEU B 329 14.33 7.91 -41.60
CA LEU B 329 13.02 7.31 -41.80
C LEU B 329 11.99 8.29 -42.33
N ASN B 330 12.38 9.56 -42.49
CA ASN B 330 11.41 10.58 -42.90
C ASN B 330 10.16 10.68 -41.97
N LYS B 331 10.40 10.70 -40.66
CA LYS B 331 9.34 10.77 -39.62
C LYS B 331 9.75 11.82 -38.60
N PRO B 332 8.79 12.57 -38.01
CA PRO B 332 9.11 13.55 -36.95
C PRO B 332 9.69 12.89 -35.71
N ILE B 333 10.30 13.71 -34.86
CA ILE B 333 10.90 13.18 -33.62
C ILE B 333 10.54 14.16 -32.52
N VAL B 334 10.17 13.61 -31.36
CA VAL B 334 9.89 14.37 -30.17
C VAL B 334 10.80 13.83 -29.06
N MET B 335 11.46 14.73 -28.30
CA MET B 335 12.16 14.29 -27.07
C MET B 335 11.15 14.24 -25.96
N GLU B 336 10.52 13.09 -25.78
CA GLU B 336 9.37 13.03 -24.90
C GLU B 336 9.68 12.79 -23.46
N GLU B 337 10.97 12.62 -23.06
CA GLU B 337 11.42 12.63 -21.64
C GLU B 337 12.83 13.11 -21.62
N PHE B 338 13.13 13.96 -20.67
CA PHE B 338 14.48 14.29 -20.30
C PHE B 338 14.32 15.01 -18.98
N GLY B 339 15.38 14.93 -18.17
CA GLY B 339 15.44 15.68 -16.95
C GLY B 339 16.78 15.67 -16.28
N MET B 340 16.80 16.36 -15.16
CA MET B 340 18.02 16.52 -14.39
C MET B 340 17.69 16.84 -12.92
N ALA B 341 18.55 16.33 -12.04
CA ALA B 341 18.42 16.48 -10.59
C ALA B 341 18.64 17.93 -10.14
N ARG B 342 18.31 18.14 -8.88
CA ARG B 342 18.65 19.39 -8.18
C ARG B 342 20.15 19.45 -7.80
N ASP B 343 20.60 20.62 -7.32
CA ASP B 343 22.00 20.90 -7.08
C ASP B 343 22.64 20.18 -5.89
N ALA B 344 22.68 18.85 -5.97
CA ALA B 344 23.25 18.00 -4.93
C ALA B 344 24.72 18.36 -4.66
N TRP B 345 25.38 18.91 -5.65
CA TRP B 345 26.81 19.25 -5.51
C TRP B 345 26.99 20.35 -4.46
N ARG B 346 25.98 21.17 -4.15
CA ARG B 346 26.15 22.21 -3.12
C ARG B 346 26.40 21.62 -1.71
N ASN B 347 26.14 20.31 -1.54
CA ASN B 347 26.17 19.58 -0.24
C ASN B 347 26.24 18.06 -0.47
N PRO B 348 27.37 17.63 -1.07
CA PRO B 348 27.52 16.30 -1.68
C PRO B 348 27.41 15.19 -0.69
N GLU B 349 27.83 15.41 0.56
CA GLU B 349 27.89 14.33 1.56
C GLU B 349 26.54 14.08 2.28
N ASP B 350 25.53 14.84 1.91
CA ASP B 350 24.18 14.75 2.49
C ASP B 350 23.11 14.25 1.50
N GLU B 351 22.79 12.98 1.61
CA GLU B 351 21.95 12.39 0.59
C GLU B 351 20.55 13.03 0.48
N THR B 352 19.88 13.28 1.61
CA THR B 352 18.53 13.85 1.59
C THR B 352 18.49 15.28 0.97
N TYR B 353 19.62 15.99 1.03
CA TYR B 353 19.69 17.37 0.53
C TYR B 353 19.29 17.50 -0.99
N LYS B 354 19.72 16.51 -1.78
CA LYS B 354 19.45 16.36 -3.18
C LYS B 354 17.93 16.41 -3.51
N TYR B 355 17.10 15.97 -2.60
CA TYR B 355 15.64 15.83 -2.84
C TYR B 355 14.79 16.95 -2.22
N LEU B 356 15.42 17.82 -1.43
CA LEU B 356 14.66 18.94 -0.83
C LEU B 356 14.22 19.95 -1.87
N PRO B 357 12.92 20.33 -1.84
CA PRO B 357 12.43 21.40 -2.75
C PRO B 357 13.20 22.71 -2.57
N SER B 358 13.74 22.96 -1.38
CA SER B 358 14.41 24.23 -1.19
C SER B 358 15.78 24.20 -1.84
N THR B 359 16.25 23.02 -2.25
CA THR B 359 17.56 22.93 -2.89
C THR B 359 17.46 23.55 -4.27
N PRO B 360 18.42 24.41 -4.65
CA PRO B 360 18.24 25.00 -5.99
C PRO B 360 18.51 24.05 -7.22
N THR B 361 18.18 24.56 -8.40
CA THR B 361 18.29 23.83 -9.60
C THR B 361 19.12 24.60 -10.63
N SER B 362 20.26 25.17 -10.22
CA SER B 362 21.06 25.93 -11.18
CA SER B 362 21.08 25.92 -11.17
C SER B 362 21.61 25.04 -12.32
N HIS B 363 22.13 23.86 -12.01
CA HIS B 363 22.57 22.95 -13.10
C HIS B 363 21.38 22.57 -14.00
N LYS B 364 20.24 22.22 -13.39
CA LYS B 364 19.06 21.74 -14.12
C LYS B 364 18.60 22.84 -15.04
N ASP B 365 18.62 24.05 -14.52
CA ASP B 365 18.17 25.19 -15.33
C ASP B 365 19.02 25.45 -16.60
N GLU B 366 20.33 25.32 -16.49
CA GLU B 366 21.22 25.55 -17.59
C GLU B 366 21.03 24.39 -18.62
N TYR B 367 20.97 23.16 -18.12
CA TYR B 367 20.75 21.97 -18.93
C TYR B 367 19.43 22.06 -19.73
N TYR B 368 18.32 22.29 -19.05
CA TYR B 368 17.09 22.58 -19.78
C TYR B 368 17.26 23.68 -20.86
N GLN B 369 17.83 24.82 -20.45
CA GLN B 369 17.93 25.98 -21.32
C GLN B 369 18.67 25.71 -22.60
N LYS B 370 19.84 25.11 -22.45
CA LYS B 370 20.59 24.73 -23.63
C LYS B 370 19.89 23.69 -24.52
N ALA B 371 19.26 22.66 -23.92
CA ALA B 371 18.52 21.66 -24.68
C ALA B 371 17.37 22.34 -25.42
N PHE B 372 16.58 23.12 -24.72
CA PHE B 372 15.52 23.87 -25.38
C PHE B 372 16.04 24.74 -26.52
N ASN B 373 17.14 25.48 -26.30
CA ASN B 373 17.60 26.38 -27.34
C ASN B 373 17.95 25.60 -28.59
N GLN B 374 18.60 24.46 -28.42
CA GLN B 374 18.94 23.57 -29.54
C GLN B 374 17.71 23.01 -30.27
N ILE B 375 16.69 22.60 -29.54
CA ILE B 375 15.46 22.11 -30.15
C ILE B 375 14.80 23.24 -30.95
N VAL B 376 14.83 24.48 -30.43
CA VAL B 376 14.10 25.56 -31.14
C VAL B 376 14.79 25.76 -32.50
N SER B 377 16.10 25.71 -32.47
CA SER B 377 16.91 25.88 -33.65
C SER B 377 16.69 24.72 -34.67
N LEU B 378 16.81 23.47 -34.21
CA LEU B 378 16.41 22.28 -35.02
C LEU B 378 14.96 22.34 -35.53
N ALA B 379 14.02 22.81 -34.71
CA ALA B 379 12.61 22.96 -35.17
C ALA B 379 12.47 24.03 -36.28
N SER B 380 13.35 25.04 -36.29
CA SER B 380 13.33 26.06 -37.37
C SER B 380 13.58 25.44 -38.76
N ASN B 381 14.43 24.41 -38.79
CA ASN B 381 14.77 23.66 -40.00
C ASN B 381 13.91 22.43 -40.16
N ARG B 382 12.85 22.33 -39.37
CA ARG B 382 11.99 21.16 -39.41
C ARG B 382 12.78 19.87 -39.21
N SER B 383 13.59 19.82 -38.16
CA SER B 383 14.40 18.64 -37.84
C SER B 383 14.10 18.06 -36.47
N PHE B 384 13.16 18.72 -35.76
CA PHE B 384 12.72 18.29 -34.44
C PHE B 384 11.35 18.88 -34.23
N SER B 385 10.48 18.19 -33.51
CA SER B 385 9.10 18.66 -33.33
C SER B 385 8.74 19.11 -31.92
N GLY B 386 9.69 19.03 -30.97
CA GLY B 386 9.41 19.56 -29.64
C GLY B 386 9.86 18.58 -28.59
N SER B 387 9.34 18.74 -27.37
CA SER B 387 9.74 17.92 -26.27
C SER B 387 8.76 17.93 -25.11
N ASN B 388 8.94 16.99 -24.17
CA ASN B 388 8.18 16.89 -22.94
C ASN B 388 9.22 16.63 -21.85
N PHE B 389 9.46 17.63 -20.99
CA PHE B 389 10.36 17.44 -19.88
C PHE B 389 9.71 16.47 -18.87
N TRP B 390 10.56 15.80 -18.11
CA TRP B 390 10.16 14.89 -17.10
C TRP B 390 10.60 15.42 -15.78
N ALA B 391 9.68 15.87 -14.92
CA ALA B 391 8.24 15.78 -15.14
C ALA B 391 7.62 16.83 -14.29
N TYR B 392 6.38 17.20 -14.57
CA TYR B 392 5.74 18.28 -13.81
C TYR B 392 5.26 17.81 -12.43
N GLY B 393 5.80 18.43 -11.38
CA GLY B 393 5.39 18.12 -10.03
C GLY B 393 4.33 19.00 -9.44
N GLY B 394 4.20 20.23 -9.95
CA GLY B 394 3.07 21.12 -9.59
C GLY B 394 3.07 21.53 -8.16
N GLU B 395 1.99 21.17 -7.46
CA GLU B 395 1.81 21.48 -6.02
C GLU B 395 2.35 20.41 -5.08
N GLY B 396 2.65 19.21 -5.62
CA GLY B 396 3.23 18.13 -4.81
C GLY B 396 4.58 18.56 -4.31
N ARG B 397 4.99 18.04 -3.16
CA ARG B 397 6.33 18.27 -2.67
C ARG B 397 6.80 16.99 -2.05
N SER B 398 8.10 16.71 -2.16
CA SER B 398 8.68 15.47 -1.62
C SER B 398 8.70 15.41 -0.09
N THR B 399 8.47 16.55 0.55
CA THR B 399 8.41 16.62 2.02
C THR B 399 7.00 16.27 2.56
N TYR B 400 5.98 16.27 1.71
CA TYR B 400 4.61 16.00 2.18
C TYR B 400 4.35 14.54 2.55
N PRO B 401 3.37 14.33 3.45
CA PRO B 401 3.05 12.96 3.89
C PRO B 401 2.30 12.15 2.79
N PRO B 402 2.48 10.82 2.76
CA PRO B 402 1.73 10.04 1.71
C PRO B 402 0.21 10.19 1.97
N ASN B 403 -0.61 10.12 0.94
CA ASN B 403 -2.04 9.99 1.13
C ASN B 403 -2.43 8.60 1.73
N PRO B 404 -3.75 8.36 1.96
CA PRO B 404 -4.07 7.12 2.65
C PRO B 404 -3.73 5.85 1.84
N TYR B 405 -3.33 5.99 0.56
CA TYR B 405 -3.01 4.84 -0.25
C TYR B 405 -1.49 4.73 -0.38
N GLY B 406 -0.75 5.58 0.33
CA GLY B 406 0.71 5.52 0.36
C GLY B 406 1.39 6.37 -0.68
N MET B 407 0.64 7.24 -1.35
CA MET B 407 1.18 7.95 -2.51
C MET B 407 1.57 9.38 -2.14
N VAL B 408 2.80 9.78 -2.42
CA VAL B 408 3.16 11.18 -2.39
C VAL B 408 3.20 11.56 -3.86
N TRP B 409 2.09 12.12 -4.37
CA TRP B 409 1.96 12.42 -5.78
C TRP B 409 2.78 13.60 -6.20
N LEU B 410 3.58 13.39 -7.26
CA LEU B 410 4.41 14.41 -7.90
C LEU B 410 5.01 13.84 -9.18
N GLY B 411 6.08 14.43 -9.72
CA GLY B 411 6.55 13.96 -10.98
C GLY B 411 7.43 12.68 -10.95
N ASP B 412 7.77 12.22 -9.75
CA ASP B 412 8.66 11.07 -9.59
C ASP B 412 7.86 9.82 -9.19
N PRO B 413 7.85 8.79 -10.08
CA PRO B 413 6.99 7.63 -9.74
C PRO B 413 7.56 6.93 -8.52
N PRO B 414 6.76 6.11 -7.86
CA PRO B 414 7.20 5.58 -6.57
C PRO B 414 8.22 4.44 -6.61
N HIS B 415 8.90 4.21 -7.72
CA HIS B 415 10.03 3.28 -7.69
C HIS B 415 11.31 4.12 -7.50
N GLU B 416 11.17 5.44 -7.41
CA GLU B 416 12.32 6.36 -7.36
C GLU B 416 12.18 7.32 -6.16
N PRO B 417 13.29 7.97 -5.74
CA PRO B 417 13.11 8.84 -4.56
C PRO B 417 12.19 10.02 -4.94
N HIS B 418 11.23 10.37 -4.09
CA HIS B 418 10.41 11.56 -4.27
C HIS B 418 11.25 12.80 -4.48
N GLY B 419 10.96 13.53 -5.54
CA GLY B 419 11.54 14.82 -5.70
C GLY B 419 12.84 14.81 -6.46
N TRP B 420 13.33 13.64 -6.89
CA TRP B 420 14.52 13.57 -7.76
C TRP B 420 14.44 14.50 -8.96
N TYR B 421 13.36 14.44 -9.76
CA TYR B 421 13.31 15.17 -11.04
C TYR B 421 12.09 16.16 -11.15
N SER B 422 11.20 16.16 -10.17
CA SER B 422 10.00 16.99 -10.26
C SER B 422 10.35 18.48 -10.46
N VAL B 423 9.65 19.10 -11.40
CA VAL B 423 9.63 20.50 -11.52
C VAL B 423 8.40 21.00 -10.77
N TYR B 424 8.63 21.76 -9.71
CA TYR B 424 7.54 22.28 -8.82
C TYR B 424 6.98 23.58 -9.33
N SER B 425 5.73 23.88 -8.94
CA SER B 425 5.02 25.08 -9.43
C SER B 425 5.85 26.38 -9.34
N ASN B 426 6.66 26.56 -8.32
CA ASN B 426 7.44 27.82 -8.21
C ASN B 426 8.95 27.64 -8.37
N ASP B 427 9.37 26.53 -8.97
CA ASP B 427 10.77 26.33 -9.25
C ASP B 427 11.31 27.38 -10.25
N THR B 428 12.57 27.79 -10.09
CA THR B 428 13.20 28.63 -11.13
C THR B 428 13.15 28.06 -12.58
N THR B 429 12.91 26.77 -12.74
CA THR B 429 12.94 26.17 -14.04
C THR B 429 11.65 26.54 -14.80
N VAL B 430 10.58 26.82 -14.08
CA VAL B 430 9.37 27.27 -14.72
C VAL B 430 9.59 28.36 -15.75
N GLN B 431 10.32 29.41 -15.40
CA GLN B 431 10.51 30.54 -16.32
C GLN B 431 11.25 30.08 -17.60
N ILE B 432 12.32 29.30 -17.45
CA ILE B 432 12.95 28.66 -18.61
C ILE B 432 12.00 27.80 -19.51
N ILE B 433 11.09 27.03 -18.91
CA ILE B 433 10.16 26.27 -19.69
C ILE B 433 9.19 27.23 -20.42
N LYS B 434 8.76 28.24 -19.71
CA LYS B 434 7.84 29.18 -20.28
C LYS B 434 8.49 29.94 -21.48
N ASP B 435 9.78 30.26 -21.40
CA ASP B 435 10.42 30.95 -22.47
C ASP B 435 10.51 30.04 -23.68
N TYR B 436 10.89 28.80 -23.42
CA TYR B 436 10.99 27.84 -24.44
C TYR B 436 9.68 27.63 -25.13
N ASN B 437 8.61 27.52 -24.39
CA ASN B 437 7.38 27.28 -25.09
C ASN B 437 7.01 28.51 -25.90
N ALA B 438 7.40 29.71 -25.47
CA ALA B 438 7.05 30.89 -26.25
C ALA B 438 7.92 30.88 -27.52
N ASN B 439 9.21 30.57 -27.36
CA ASN B 439 10.05 30.45 -28.57
C ASN B 439 9.56 29.44 -29.58
N LEU B 440 9.17 28.27 -29.09
CA LEU B 440 8.68 27.23 -29.98
C LEU B 440 7.40 27.62 -30.71
N LEU B 441 6.49 28.32 -30.05
CA LEU B 441 5.29 28.87 -30.75
C LEU B 441 5.66 29.91 -31.79
N LYS B 442 6.65 30.76 -31.49
CA LYS B 442 7.15 31.72 -32.46
C LYS B 442 7.60 30.95 -33.72
N VAL B 443 8.42 29.89 -33.57
CA VAL B 443 8.81 29.02 -34.71
C VAL B 443 7.62 28.35 -35.43
N GLN B 444 6.68 27.79 -34.68
CA GLN B 444 5.53 27.23 -35.31
C GLN B 444 4.83 28.29 -36.18
N LYS B 445 4.81 29.55 -35.73
CA LYS B 445 4.14 30.63 -36.53
C LYS B 445 4.90 31.05 -37.80
N GLU B 446 6.24 31.16 -37.74
CA GLU B 446 7.09 31.39 -38.91
C GLU B 446 6.93 30.27 -39.95
N LEU B 447 6.67 29.02 -39.51
CA LEU B 447 6.43 27.87 -40.44
C LEU B 447 5.01 27.82 -41.17
#